data_3MEL
#
_entry.id   3MEL
#
_cell.length_a   62.286
_cell.length_b   102.112
_cell.length_c   94.277
_cell.angle_alpha   90.00
_cell.angle_beta   98.13
_cell.angle_gamma   90.00
#
_symmetry.space_group_name_H-M   'P 1 21 1'
#
loop_
_entity.id
_entity.type
_entity.pdbx_description
1 polymer 'Thiamin pyrophosphokinase family protein'
2 non-polymer 'THIAMINE DIPHOSPHATE'
3 non-polymer 'MAGNESIUM ION'
4 non-polymer 'PHOSPHATE ION'
5 water water
#
_entity_poly.entity_id   1
_entity_poly.type   'polypeptide(L)'
_entity_poly.pdbx_seq_one_letter_code
;(MSE)SRVLLVAGGNPSDWPTIEPATYDYFVGIDRGCLHLLEADLPLQLAVGDFDSLSREEYHFVQETTETLIQAPAEKD
DTDTQLALQEALQRFPQAE(MSE)TIIGATGGRIDHLLANLWLPFEPRFQGVLRQIRLCDRQNSIQYYAPGSYIVPKEPD
KEYLAYCCLTPVENLTLRRSKYLLTNQDVPYPTSYASNEFIEEAAAFSFDAG(MSE)IAVIQSKDKLEHHHHHH
;
_entity_poly.pdbx_strand_id   A,B,C,D
#
# COMPACT_ATOMS: atom_id res chain seq x y z
N SER A 2 0.30 5.70 -17.64
CA SER A 2 1.28 6.11 -16.63
C SER A 2 2.42 5.11 -16.56
N ARG A 3 3.62 5.59 -16.35
CA ARG A 3 4.73 4.67 -16.14
C ARG A 3 5.48 5.02 -14.87
N VAL A 4 5.95 4.00 -14.15
CA VAL A 4 6.77 4.26 -12.98
C VAL A 4 8.09 3.55 -13.15
N LEU A 5 9.17 4.21 -12.76
CA LEU A 5 10.51 3.60 -12.89
C LEU A 5 11.14 3.30 -11.54
N LEU A 6 11.54 2.03 -11.31
CA LEU A 6 12.16 1.63 -10.03
C LEU A 6 13.63 1.26 -10.18
N VAL A 7 14.47 1.65 -9.24
CA VAL A 7 15.92 1.45 -9.38
C VAL A 7 16.58 0.70 -8.21
N ALA A 8 16.87 -0.58 -8.43
CA ALA A 8 17.64 -1.37 -7.48
C ALA A 8 19.11 -0.94 -7.53
N GLY A 9 19.94 -1.64 -6.76
CA GLY A 9 21.29 -1.18 -6.51
C GLY A 9 22.33 -1.66 -7.50
N GLY A 10 21.84 -2.24 -8.59
CA GLY A 10 22.72 -2.77 -9.61
C GLY A 10 23.66 -1.71 -10.12
N ASN A 11 24.73 -2.12 -10.77
CA ASN A 11 25.56 -1.17 -11.48
C ASN A 11 24.76 -0.58 -12.63
N PRO A 12 24.68 0.76 -12.71
CA PRO A 12 23.98 1.51 -13.76
C PRO A 12 24.53 1.20 -15.15
N SER A 13 25.74 0.66 -15.21
CA SER A 13 26.35 0.27 -16.48
C SER A 13 25.49 -0.74 -17.22
N ASP A 14 24.68 -1.48 -16.47
CA ASP A 14 23.87 -2.55 -17.04
C ASP A 14 22.44 -2.14 -17.15
N TRP A 15 22.20 -0.84 -17.01
CA TRP A 15 20.87 -0.27 -17.18
C TRP A 15 20.45 -0.36 -18.64
N PRO A 16 19.13 -0.40 -18.87
CA PRO A 16 18.68 -0.23 -20.25
C PRO A 16 18.88 1.25 -20.56
N THR A 17 18.81 1.60 -21.83
CA THR A 17 18.74 2.99 -22.18
C THR A 17 17.44 3.48 -21.63
N ILE A 18 17.50 4.52 -20.81
CA ILE A 18 16.30 5.12 -20.24
C ILE A 18 15.94 6.51 -20.83
N GLU A 19 14.65 6.71 -21.10
CA GLU A 19 14.13 8.05 -21.37
C GLU A 19 13.18 8.48 -20.24
N PRO A 20 13.58 9.52 -19.48
CA PRO A 20 12.89 10.03 -18.28
C PRO A 20 11.53 10.68 -18.53
N ALA A 21 11.38 11.43 -19.64
CA ALA A 21 10.07 11.95 -20.01
C ALA A 21 9.00 10.87 -19.84
N THR A 22 9.36 9.64 -20.14
CA THR A 22 8.41 8.55 -20.22
C THR A 22 7.90 8.14 -18.84
N TYR A 23 8.65 8.46 -17.79
CA TYR A 23 8.25 8.11 -16.43
C TYR A 23 7.62 9.29 -15.67
N ASP A 24 6.58 9.00 -14.90
CA ASP A 24 5.84 9.99 -14.14
C ASP A 24 6.17 9.93 -12.65
N TYR A 25 7.11 9.07 -12.27
CA TYR A 25 7.39 8.81 -10.87
C TYR A 25 8.67 7.99 -10.80
N PHE A 26 9.64 8.43 -10.00
CA PHE A 26 10.90 7.72 -9.90
C PHE A 26 11.12 7.15 -8.51
N VAL A 27 11.44 5.86 -8.44
CA VAL A 27 11.53 5.11 -7.20
C VAL A 27 12.93 4.54 -7.01
N GLY A 28 13.58 4.91 -5.91
CA GLY A 28 14.88 4.38 -5.59
C GLY A 28 14.71 3.22 -4.63
N ILE A 29 15.54 2.20 -4.78
CA ILE A 29 15.54 1.08 -3.88
C ILE A 29 16.92 0.94 -3.26
N ASP A 30 17.02 1.18 -1.96
CA ASP A 30 18.31 1.10 -1.28
C ASP A 30 19.33 1.92 -2.05
N ARG A 31 20.41 1.27 -2.45
CA ARG A 31 21.53 1.92 -3.09
C ARG A 31 21.17 2.47 -4.48
N GLY A 32 20.04 2.02 -5.02
CA GLY A 32 19.53 2.56 -6.26
C GLY A 32 19.09 4.01 -6.14
N CYS A 33 18.78 4.43 -4.92
CA CYS A 33 18.49 5.83 -4.61
C CYS A 33 19.67 6.74 -4.97
N LEU A 34 20.89 6.32 -4.66
CA LEU A 34 22.07 7.12 -5.00
C LEU A 34 22.33 7.12 -6.52
N HIS A 35 22.13 5.96 -7.14
CA HIS A 35 22.34 5.83 -8.59
C HIS A 35 21.47 6.78 -9.41
N LEU A 36 20.23 6.98 -8.97
CA LEU A 36 19.34 7.95 -9.57
C LEU A 36 19.88 9.37 -9.46
N LEU A 37 20.33 9.76 -8.26
CA LEU A 37 20.76 11.14 -8.03
C LEU A 37 22.10 11.42 -8.70
N GLU A 38 22.98 10.43 -8.74
CA GLU A 38 24.28 10.66 -9.36
C GLU A 38 24.11 10.64 -10.88
N ALA A 39 22.89 10.38 -11.33
CA ALA A 39 22.58 10.41 -12.75
C ALA A 39 21.64 11.56 -13.02
N ASP A 40 21.62 12.50 -12.10
CA ASP A 40 20.88 13.74 -12.25
C ASP A 40 19.40 13.50 -12.54
N LEU A 41 18.87 12.38 -12.08
CA LEU A 41 17.46 12.05 -12.27
C LEU A 41 16.68 12.28 -10.97
N PRO A 42 15.33 12.33 -11.04
CA PRO A 42 14.54 12.54 -9.82
C PRO A 42 14.54 11.34 -8.86
N LEU A 43 14.17 11.61 -7.61
CA LEU A 43 13.99 10.57 -6.61
C LEU A 43 12.78 11.02 -5.86
N GLN A 44 11.67 10.32 -6.05
CA GLN A 44 10.44 10.75 -5.42
C GLN A 44 9.98 9.78 -4.34
N LEU A 45 10.50 8.56 -4.38
CA LEU A 45 10.19 7.53 -3.39
C LEU A 45 11.45 6.71 -3.09
N ALA A 46 11.89 6.73 -1.82
CA ALA A 46 13.07 5.95 -1.42
C ALA A 46 12.69 4.77 -0.51
N VAL A 47 13.08 3.55 -0.89
CA VAL A 47 12.64 2.35 -0.19
C VAL A 47 13.76 1.35 0.14
N GLY A 48 13.67 0.74 1.31
CA GLY A 48 14.69 -0.20 1.74
C GLY A 48 15.00 -0.08 3.20
N ASP A 49 16.07 -0.75 3.63
CA ASP A 49 16.51 -0.69 5.01
C ASP A 49 17.77 0.14 5.01
N PHE A 50 18.29 0.32 3.82
CA PHE A 50 19.41 1.23 3.57
C PHE A 50 20.65 0.86 4.34
N ASP A 51 20.77 -0.42 4.68
CA ASP A 51 21.94 -0.91 5.40
C ASP A 51 23.18 -0.90 4.51
N SER A 52 22.98 -0.91 3.21
CA SER A 52 24.12 -0.83 2.33
C SER A 52 24.71 0.60 2.31
N LEU A 53 23.96 1.58 2.80
CA LEU A 53 24.37 2.99 2.73
C LEU A 53 25.11 3.54 3.97
N SER A 54 26.09 4.40 3.72
CA SER A 54 26.77 5.11 4.81
C SER A 54 25.83 6.07 5.53
N ARG A 55 26.19 6.48 6.74
CA ARG A 55 25.34 7.40 7.47
C ARG A 55 25.20 8.74 6.72
N GLU A 56 26.23 9.06 5.96
CA GLU A 56 26.27 10.30 5.21
C GLU A 56 25.47 10.20 3.90
N GLU A 57 25.51 9.04 3.26
CA GLU A 57 24.76 8.84 2.02
C GLU A 57 23.27 8.78 2.31
N TYR A 58 22.92 8.17 3.44
CA TYR A 58 21.53 8.06 3.86
C TYR A 58 20.97 9.37 4.38
N HIS A 59 21.83 10.33 4.69
CA HIS A 59 21.37 11.65 5.10
C HIS A 59 20.97 12.38 3.82
N PHE A 60 21.79 12.18 2.79
CA PHE A 60 21.58 12.80 1.50
C PHE A 60 20.34 12.26 0.79
N VAL A 61 20.01 10.99 0.99
CA VAL A 61 18.84 10.38 0.40
C VAL A 61 17.58 10.80 1.13
N GLN A 62 17.76 11.30 2.35
CA GLN A 62 16.63 11.66 3.20
C GLN A 62 16.20 13.11 2.96
N GLU A 63 17.15 13.98 2.63
CA GLU A 63 16.82 15.38 2.28
C GLU A 63 16.22 15.44 0.87
N THR A 64 16.83 14.67 -0.03
CA THR A 64 16.44 14.69 -1.43
C THR A 64 15.12 13.99 -1.79
N THR A 65 14.90 12.76 -1.36
CA THR A 65 13.65 12.10 -1.73
C THR A 65 12.48 12.97 -1.31
N GLU A 66 11.28 12.65 -1.77
CA GLU A 66 10.11 13.33 -1.22
C GLU A 66 9.20 12.42 -0.41
N THR A 67 9.34 11.11 -0.60
CA THR A 67 8.77 10.13 0.33
C THR A 67 9.83 9.12 0.72
N LEU A 68 10.04 8.96 2.01
CA LEU A 68 10.98 7.97 2.52
C LEU A 68 10.22 6.80 3.14
N ILE A 69 10.45 5.60 2.60
CA ILE A 69 10.04 4.40 3.31
C ILE A 69 11.25 3.60 3.79
N GLN A 70 11.62 3.81 5.04
CA GLN A 70 12.70 3.05 5.66
C GLN A 70 12.13 1.85 6.42
N ALA A 71 12.56 0.66 6.07
CA ALA A 71 12.00 -0.57 6.64
C ALA A 71 13.10 -1.37 7.35
N PRO A 72 12.70 -2.31 8.24
CA PRO A 72 13.60 -3.12 9.07
C PRO A 72 14.51 -4.01 8.23
N ALA A 73 15.80 -4.11 8.55
CA ALA A 73 16.68 -5.02 7.80
C ALA A 73 16.18 -6.46 7.87
N GLU A 74 15.43 -6.74 8.94
CA GLU A 74 14.85 -8.06 9.18
C GLU A 74 13.40 -8.05 8.74
N LYS A 75 13.16 -8.53 7.53
CA LYS A 75 11.78 -8.71 7.06
C LYS A 75 11.68 -9.93 6.15
N ASP A 76 10.46 -10.39 5.90
CA ASP A 76 10.19 -11.36 4.84
C ASP A 76 10.45 -10.79 3.44
N ASP A 77 9.94 -9.59 3.18
CA ASP A 77 10.09 -8.97 1.88
C ASP A 77 11.51 -8.49 1.60
N THR A 78 11.94 -8.66 0.35
CA THR A 78 13.10 -7.96 -0.17
C THR A 78 12.77 -6.47 -0.38
N ASP A 79 13.78 -5.61 -0.31
CA ASP A 79 13.57 -4.18 -0.56
C ASP A 79 12.75 -3.94 -1.82
N THR A 80 13.05 -4.71 -2.87
CA THR A 80 12.34 -4.62 -4.14
C THR A 80 10.88 -5.10 -4.06
N GLN A 81 10.60 -6.15 -3.30
CA GLN A 81 9.19 -6.52 -3.12
C GLN A 81 8.42 -5.39 -2.46
N LEU A 82 9.03 -4.80 -1.45
CA LEU A 82 8.41 -3.72 -0.69
C LEU A 82 8.14 -2.48 -1.56
N ALA A 83 9.19 -2.01 -2.23
CA ALA A 83 9.10 -0.86 -3.12
C ALA A 83 8.04 -1.05 -4.19
N LEU A 84 7.95 -2.23 -4.78
CA LEU A 84 6.94 -2.46 -5.81
C LEU A 84 5.52 -2.29 -5.26
N GLN A 85 5.22 -2.89 -4.11
CA GLN A 85 3.90 -2.76 -3.51
C GLN A 85 3.56 -1.30 -3.14
N GLU A 86 4.52 -0.60 -2.55
CA GLU A 86 4.30 0.79 -2.18
C GLU A 86 3.97 1.62 -3.42
N ALA A 87 4.76 1.42 -4.48
CA ALA A 87 4.62 2.20 -5.70
C ALA A 87 3.32 1.87 -6.42
N LEU A 88 2.91 0.60 -6.45
CA LEU A 88 1.61 0.27 -6.98
C LEU A 88 0.51 0.81 -6.08
N GLN A 89 0.81 1.02 -4.81
CA GLN A 89 -0.21 1.57 -3.91
C GLN A 89 -0.55 2.98 -4.38
N ARG A 90 0.45 3.67 -4.90
CA ARG A 90 0.37 5.08 -5.25
C ARG A 90 -0.01 5.26 -6.70
N PHE A 91 0.23 4.23 -7.52
CA PHE A 91 -0.03 4.27 -8.97
C PHE A 91 -0.59 2.96 -9.46
N PRO A 92 -1.79 2.60 -9.01
CA PRO A 92 -2.18 1.19 -9.16
C PRO A 92 -2.34 0.72 -10.62
N GLN A 93 -2.26 1.61 -11.58
CA GLN A 93 -2.52 1.20 -12.95
C GLN A 93 -1.32 1.44 -13.83
N ALA A 94 -0.26 1.90 -13.22
CA ALA A 94 0.95 2.28 -13.95
C ALA A 94 1.81 1.07 -14.26
N GLU A 95 2.54 1.18 -15.36
CA GLU A 95 3.42 0.14 -15.82
C GLU A 95 4.78 0.21 -15.15
N THR A 97 8.45 -0.46 -14.27
CA THR A 97 9.69 -0.87 -14.90
C THR A 97 10.76 -0.96 -13.84
N ILE A 98 11.32 -2.15 -13.68
CA ILE A 98 12.34 -2.33 -12.67
C ILE A 98 13.70 -2.50 -13.29
N ILE A 99 14.56 -1.52 -13.09
CA ILE A 99 15.94 -1.67 -13.55
C ILE A 99 16.91 -1.75 -12.37
N GLY A 100 18.12 -2.24 -12.65
CA GLY A 100 19.19 -2.28 -11.68
C GLY A 100 19.07 -3.50 -10.80
N ALA A 101 18.16 -4.40 -11.14
CA ALA A 101 18.05 -5.67 -10.41
C ALA A 101 19.05 -6.65 -11.01
N THR A 102 20.32 -6.23 -11.02
CA THR A 102 21.39 -6.87 -11.79
C THR A 102 22.57 -7.31 -10.89
N GLY A 103 22.41 -7.17 -9.58
CA GLY A 103 23.46 -7.51 -8.64
C GLY A 103 24.21 -8.82 -8.84
N GLY A 104 23.60 -9.79 -9.55
CA GLY A 104 24.27 -11.06 -9.84
C GLY A 104 23.86 -12.28 -9.02
N ARG A 105 23.09 -12.07 -7.97
CA ARG A 105 22.68 -13.16 -7.08
C ARG A 105 21.43 -13.84 -7.61
N ILE A 106 21.52 -15.15 -7.83
CA ILE A 106 20.47 -15.82 -8.58
C ILE A 106 19.21 -16.08 -7.75
N ASP A 107 19.35 -16.22 -6.44
CA ASP A 107 18.17 -16.23 -5.56
C ASP A 107 17.35 -14.94 -5.74
N HIS A 108 18.03 -13.79 -5.78
CA HIS A 108 17.37 -12.54 -6.06
C HIS A 108 16.89 -12.45 -7.51
N LEU A 109 17.67 -12.96 -8.45
CA LEU A 109 17.15 -12.97 -9.81
C LEU A 109 15.76 -13.65 -9.82
N LEU A 110 15.68 -14.90 -9.33
CA LEU A 110 14.41 -15.64 -9.28
C LEU A 110 13.35 -15.05 -8.31
N ALA A 111 13.83 -14.39 -7.27
CA ALA A 111 12.95 -13.64 -6.39
C ALA A 111 12.18 -12.64 -7.23
N ASN A 112 12.89 -11.94 -8.10
CA ASN A 112 12.33 -10.93 -8.98
C ASN A 112 11.45 -11.53 -10.08
N LEU A 113 12.00 -12.49 -10.80
CA LEU A 113 11.32 -13.16 -11.91
C LEU A 113 9.99 -13.85 -11.58
N TRP A 114 9.70 -14.08 -10.31
CA TRP A 114 8.48 -14.75 -9.92
C TRP A 114 7.53 -13.78 -9.23
N LEU A 115 7.82 -12.48 -9.34
CA LEU A 115 6.99 -11.44 -8.73
C LEU A 115 5.48 -11.58 -9.04
N PRO A 116 5.10 -11.57 -10.33
CA PRO A 116 3.71 -11.78 -10.77
C PRO A 116 2.99 -12.95 -10.11
N PHE A 117 3.73 -13.95 -9.64
CA PHE A 117 3.13 -15.11 -8.99
C PHE A 117 2.45 -14.74 -7.69
N GLU A 118 3.01 -13.75 -6.99
CA GLU A 118 2.53 -13.36 -5.68
C GLU A 118 1.10 -12.82 -5.73
N PRO A 119 0.25 -13.32 -4.83
CA PRO A 119 -1.17 -12.93 -4.93
C PRO A 119 -1.35 -11.41 -4.95
N ARG A 120 -0.44 -10.67 -4.32
CA ARG A 120 -0.51 -9.21 -4.29
C ARG A 120 0.00 -8.52 -5.56
N PHE A 121 0.46 -9.30 -6.55
CA PHE A 121 0.98 -8.74 -7.78
C PHE A 121 0.31 -9.40 -8.98
N GLN A 122 -0.29 -10.56 -8.76
CA GLN A 122 -0.98 -11.27 -9.83
C GLN A 122 -1.90 -10.35 -10.65
N GLY A 123 -2.73 -9.57 -9.95
CA GLY A 123 -3.69 -8.69 -10.58
C GLY A 123 -3.08 -7.64 -11.46
N VAL A 124 -1.77 -7.49 -11.40
CA VAL A 124 -1.08 -6.55 -12.26
C VAL A 124 0.16 -7.13 -12.97
N LEU A 125 0.11 -8.39 -13.40
CA LEU A 125 1.28 -9.00 -14.07
C LEU A 125 1.58 -8.32 -15.39
N ARG A 126 0.51 -7.89 -16.04
CA ARG A 126 0.59 -7.20 -17.31
C ARG A 126 1.27 -5.85 -17.13
N GLN A 127 1.42 -5.42 -15.88
CA GLN A 127 1.97 -4.09 -15.58
C GLN A 127 3.43 -4.10 -15.18
N ILE A 128 4.02 -5.27 -15.01
CA ILE A 128 5.34 -5.42 -14.40
C ILE A 128 6.38 -5.71 -15.49
N ARG A 129 7.46 -4.92 -15.51
CA ARG A 129 8.55 -5.11 -16.47
C ARG A 129 9.88 -5.05 -15.76
N LEU A 130 10.81 -5.92 -16.14
CA LEU A 130 12.17 -5.91 -15.62
C LEU A 130 13.13 -5.74 -16.77
N CYS A 131 14.11 -4.86 -16.64
CA CYS A 131 15.00 -4.59 -17.77
C CYS A 131 16.48 -4.47 -17.46
N ASP A 132 17.27 -4.92 -18.41
CA ASP A 132 18.71 -4.97 -18.32
C ASP A 132 19.22 -4.25 -19.54
N ARG A 133 20.50 -3.89 -19.50
CA ARG A 133 21.21 -3.55 -20.72
C ARG A 133 20.90 -4.56 -21.82
N GLN A 134 20.82 -5.86 -21.45
CA GLN A 134 20.67 -6.95 -22.42
C GLN A 134 19.29 -7.59 -22.46
N ASN A 135 18.43 -7.27 -21.50
CA ASN A 135 17.20 -8.05 -21.33
C ASN A 135 16.00 -7.20 -21.05
N SER A 136 14.86 -7.67 -21.54
CA SER A 136 13.62 -6.98 -21.26
C SER A 136 12.51 -7.99 -21.11
N ILE A 137 11.87 -8.00 -19.93
CA ILE A 137 10.97 -9.06 -19.54
C ILE A 137 9.53 -8.59 -19.31
N GLN A 138 8.58 -9.28 -19.93
CA GLN A 138 7.16 -8.97 -19.78
C GLN A 138 6.42 -10.22 -19.35
N TYR A 139 5.34 -10.08 -18.58
CA TYR A 139 4.61 -11.25 -18.10
C TYR A 139 3.23 -11.39 -18.74
N TYR A 140 2.82 -12.63 -18.98
CA TYR A 140 1.52 -12.91 -19.57
C TYR A 140 0.77 -14.04 -18.88
N ALA A 141 -0.50 -13.82 -18.61
CA ALA A 141 -1.39 -14.90 -18.24
C ALA A 141 -2.07 -15.37 -19.52
N PRO A 142 -2.78 -16.51 -19.48
CA PRO A 142 -3.41 -17.08 -20.68
C PRO A 142 -4.24 -16.08 -21.48
N GLY A 143 -3.92 -15.95 -22.76
CA GLY A 143 -4.70 -15.12 -23.64
C GLY A 143 -4.14 -15.23 -25.04
N SER A 144 -4.40 -14.20 -25.85
CA SER A 144 -3.86 -14.11 -27.21
C SER A 144 -3.25 -12.73 -27.34
N TYR A 145 -2.02 -12.65 -27.84
CA TYR A 145 -1.26 -11.41 -27.72
C TYR A 145 -0.43 -11.05 -28.95
N ILE A 146 -0.20 -9.75 -29.11
CA ILE A 146 0.80 -9.27 -30.06
C ILE A 146 2.00 -8.78 -29.26
N VAL A 147 3.20 -9.08 -29.74
CA VAL A 147 4.40 -8.74 -29.03
C VAL A 147 5.25 -7.82 -29.90
N PRO A 148 5.13 -6.51 -29.67
CA PRO A 148 5.85 -5.56 -30.54
C PRO A 148 7.36 -5.64 -30.30
N LYS A 149 8.14 -5.75 -31.36
CA LYS A 149 9.57 -5.83 -31.20
C LYS A 149 10.18 -4.54 -30.63
N GLU A 150 11.10 -4.72 -29.69
CA GLU A 150 11.94 -3.64 -29.19
C GLU A 150 13.09 -3.39 -30.16
N PRO A 151 13.24 -2.13 -30.60
CA PRO A 151 14.13 -1.78 -31.72
C PRO A 151 15.58 -2.22 -31.52
N ASP A 152 16.08 -2.15 -30.29
CA ASP A 152 17.49 -2.49 -29.99
C ASP A 152 17.75 -4.00 -29.70
N LYS A 153 16.74 -4.84 -29.81
CA LYS A 153 16.85 -6.22 -29.40
C LYS A 153 16.93 -7.18 -30.61
N GLU A 154 17.63 -8.31 -30.46
CA GLU A 154 17.78 -9.29 -31.52
C GLU A 154 16.95 -10.57 -31.34
N TYR A 155 16.72 -10.95 -30.08
CA TYR A 155 16.14 -12.26 -29.80
C TYR A 155 14.78 -12.18 -29.12
N LEU A 156 13.99 -13.24 -29.28
CA LEU A 156 12.68 -13.35 -28.65
C LEU A 156 12.61 -14.70 -27.92
N ALA A 157 11.95 -14.73 -26.78
CA ALA A 157 11.91 -15.96 -26.01
C ALA A 157 10.58 -16.13 -25.32
N TYR A 158 10.07 -17.35 -25.34
CA TYR A 158 8.92 -17.68 -24.53
C TYR A 158 9.37 -18.62 -23.41
N CYS A 159 9.48 -18.03 -22.24
CA CYS A 159 9.92 -18.74 -21.05
C CYS A 159 8.69 -19.11 -20.24
N CYS A 160 8.35 -20.39 -20.24
CA CYS A 160 7.18 -20.87 -19.52
C CYS A 160 7.57 -21.10 -18.06
N LEU A 161 7.04 -20.27 -17.18
CA LEU A 161 7.44 -20.36 -15.79
C LEU A 161 6.77 -21.55 -15.10
N THR A 162 5.68 -22.00 -15.72
CA THR A 162 4.92 -23.12 -15.22
C THR A 162 4.59 -24.02 -16.39
N PRO A 163 4.12 -25.23 -16.11
CA PRO A 163 3.61 -26.01 -17.24
C PRO A 163 2.58 -25.16 -17.98
N VAL A 164 2.73 -25.00 -19.30
CA VAL A 164 1.77 -24.25 -20.12
C VAL A 164 0.97 -25.20 -21.02
N GLU A 165 -0.25 -24.80 -21.38
CA GLU A 165 -1.11 -25.62 -22.22
C GLU A 165 -1.53 -24.90 -23.52
N ASN A 166 -1.54 -25.66 -24.62
CA ASN A 166 -1.99 -25.18 -25.93
C ASN A 166 -1.25 -23.91 -26.30
N LEU A 167 0.07 -24.01 -26.44
CA LEU A 167 0.86 -22.83 -26.76
C LEU A 167 1.09 -22.71 -28.25
N THR A 168 0.36 -21.77 -28.88
CA THR A 168 0.51 -21.49 -30.30
C THR A 168 1.26 -20.19 -30.43
N LEU A 169 2.10 -20.07 -31.43
CA LEU A 169 3.04 -18.96 -31.48
C LEU A 169 3.44 -18.70 -32.94
N ARG A 170 3.03 -17.55 -33.47
CA ARG A 170 3.26 -17.23 -34.88
C ARG A 170 4.13 -15.99 -35.12
N ARG A 171 4.30 -15.66 -36.40
CA ARG A 171 5.08 -14.52 -36.85
C ARG A 171 6.50 -14.47 -36.26
N SER A 172 6.97 -15.62 -35.77
CA SER A 172 8.34 -15.75 -35.28
C SER A 172 9.19 -16.45 -36.33
N LYS A 173 10.48 -16.58 -36.07
CA LYS A 173 11.38 -17.35 -36.95
C LYS A 173 11.43 -18.79 -36.49
N TYR A 174 10.47 -19.18 -35.67
CA TYR A 174 10.37 -20.53 -35.09
C TYR A 174 9.01 -20.60 -34.46
N LEU A 175 8.32 -21.72 -34.68
CA LEU A 175 6.92 -21.78 -34.30
C LEU A 175 6.66 -22.93 -33.35
N LEU A 176 5.61 -22.77 -32.55
CA LEU A 176 5.03 -23.88 -31.84
C LEU A 176 3.59 -23.77 -32.24
N THR A 177 2.86 -24.88 -32.16
CA THR A 177 1.47 -24.81 -32.50
C THR A 177 0.67 -25.85 -31.71
N ASN A 178 -0.22 -25.35 -30.85
CA ASN A 178 -1.04 -26.19 -29.99
C ASN A 178 -0.17 -27.02 -29.03
N GLN A 179 0.98 -26.46 -28.69
CA GLN A 179 2.00 -27.14 -27.91
C GLN A 179 1.66 -27.28 -26.44
N ASP A 180 1.71 -28.50 -25.91
CA ASP A 180 1.64 -28.67 -24.47
C ASP A 180 3.07 -28.65 -23.93
N VAL A 181 3.26 -27.92 -22.83
CA VAL A 181 4.56 -27.72 -22.22
C VAL A 181 4.41 -28.22 -20.79
N PRO A 182 4.91 -29.45 -20.52
CA PRO A 182 4.62 -30.25 -19.33
C PRO A 182 5.30 -29.74 -18.06
N TYR A 183 6.30 -28.88 -18.21
CA TYR A 183 7.06 -28.36 -17.09
C TYR A 183 7.80 -27.11 -17.58
N PRO A 184 8.33 -26.30 -16.65
CA PRO A 184 9.08 -25.11 -17.05
C PRO A 184 10.02 -25.33 -18.26
N THR A 185 9.86 -24.52 -19.29
CA THR A 185 10.65 -24.66 -20.51
C THR A 185 10.95 -23.30 -21.11
N SER A 186 12.21 -23.09 -21.48
CA SER A 186 12.62 -21.79 -22.00
C SER A 186 12.88 -21.88 -23.48
N TYR A 187 11.87 -21.53 -24.29
CA TYR A 187 12.06 -21.43 -25.72
C TYR A 187 12.75 -20.11 -26.08
N ALA A 188 14.06 -20.16 -26.11
CA ALA A 188 14.90 -19.00 -26.20
C ALA A 188 15.51 -18.91 -27.58
N SER A 189 16.13 -17.78 -27.88
CA SER A 189 16.82 -17.55 -29.15
C SER A 189 15.90 -17.60 -30.39
N ASN A 190 14.61 -17.42 -30.17
CA ASN A 190 13.71 -17.17 -31.27
C ASN A 190 13.98 -15.75 -31.84
N GLU A 191 13.48 -15.48 -33.04
CA GLU A 191 13.66 -14.16 -33.66
C GLU A 191 12.36 -13.61 -34.25
N PHE A 192 12.30 -12.28 -34.36
CA PHE A 192 11.21 -11.62 -35.05
C PHE A 192 11.46 -11.71 -36.54
N ILE A 193 10.40 -11.96 -37.31
CA ILE A 193 10.51 -11.81 -38.75
C ILE A 193 9.88 -10.49 -39.20
N GLU A 194 8.86 -10.05 -38.46
CA GLU A 194 8.26 -8.74 -38.70
C GLU A 194 8.65 -7.77 -37.58
N GLU A 195 7.80 -6.78 -37.33
CA GLU A 195 8.02 -5.85 -36.24
C GLU A 195 7.23 -6.32 -35.02
N ALA A 196 6.47 -7.39 -35.20
CA ALA A 196 5.64 -7.91 -34.13
C ALA A 196 5.50 -9.39 -34.29
N ALA A 197 5.44 -10.10 -33.17
CA ALA A 197 5.14 -11.52 -33.20
C ALA A 197 3.81 -11.71 -32.50
N ALA A 198 3.27 -12.92 -32.52
CA ALA A 198 2.04 -13.20 -31.79
C ALA A 198 2.08 -14.60 -31.18
N PHE A 199 1.26 -14.81 -30.14
CA PHE A 199 1.19 -16.11 -29.46
C PHE A 199 -0.02 -16.17 -28.55
N SER A 200 -0.42 -17.40 -28.22
CA SER A 200 -1.55 -17.60 -27.31
C SER A 200 -1.43 -18.92 -26.55
N PHE A 201 -2.18 -19.02 -25.46
CA PHE A 201 -2.16 -20.19 -24.60
C PHE A 201 -3.31 -20.15 -23.59
N ASP A 202 -3.64 -21.30 -23.02
CA ASP A 202 -4.86 -21.43 -22.23
C ASP A 202 -4.57 -21.46 -20.73
N ALA A 203 -3.37 -21.88 -20.35
CA ALA A 203 -3.08 -22.11 -18.94
C ALA A 203 -1.61 -21.94 -18.62
N GLY A 204 -1.33 -21.37 -17.45
CA GLY A 204 0.04 -21.18 -17.00
C GLY A 204 0.49 -19.74 -17.06
N ILE A 206 3.68 -17.18 -18.72
CA ILE A 206 4.86 -17.04 -19.55
C ILE A 206 5.51 -15.69 -19.35
N ALA A 207 6.83 -15.71 -19.45
CA ALA A 207 7.60 -14.50 -19.39
C ALA A 207 8.15 -14.31 -20.77
N VAL A 208 7.61 -13.34 -21.50
CA VAL A 208 8.18 -13.06 -22.80
C VAL A 208 9.45 -12.27 -22.56
N ILE A 209 10.55 -12.74 -23.15
CA ILE A 209 11.85 -12.06 -22.97
C ILE A 209 12.49 -11.66 -24.29
N GLN A 210 12.87 -10.39 -24.41
CA GLN A 210 13.62 -9.92 -25.57
C GLN A 210 15.03 -9.52 -25.15
N SER A 211 16.02 -9.94 -25.91
CA SER A 211 17.40 -9.85 -25.45
C SER A 211 18.33 -9.57 -26.63
N LYS A 212 19.61 -9.33 -26.34
CA LYS A 212 20.62 -9.12 -27.38
C LYS A 212 22.01 -9.43 -26.85
N ASP A 213 23.01 -9.52 -27.74
CA ASP A 213 24.35 -9.92 -27.28
C ASP A 213 25.21 -8.79 -26.71
N LYS A 214 26.33 -9.17 -26.10
CA LYS A 214 27.23 -8.25 -25.41
C LYS A 214 28.24 -7.68 -26.39
N SER B 2 32.68 -39.02 -9.99
CA SER B 2 33.54 -38.37 -11.00
C SER B 2 33.05 -36.97 -11.32
N ARG B 3 33.94 -36.18 -11.92
CA ARG B 3 33.65 -34.78 -12.21
C ARG B 3 33.87 -34.41 -13.67
N VAL B 4 32.79 -34.00 -14.33
CA VAL B 4 32.90 -33.38 -15.65
C VAL B 4 32.55 -31.91 -15.57
N LEU B 5 33.39 -31.11 -16.21
CA LEU B 5 33.16 -29.67 -16.36
C LEU B 5 32.61 -29.40 -17.76
N LEU B 6 31.44 -28.78 -17.85
CA LEU B 6 30.95 -28.31 -19.15
C LEU B 6 31.10 -26.78 -19.23
N VAL B 7 31.65 -26.31 -20.35
CA VAL B 7 31.99 -24.90 -20.51
C VAL B 7 31.23 -24.29 -21.67
N ALA B 8 30.32 -23.37 -21.39
CA ALA B 8 29.58 -22.73 -22.47
C ALA B 8 30.17 -21.38 -22.83
N GLY B 9 29.59 -20.74 -23.85
CA GLY B 9 30.21 -19.61 -24.51
C GLY B 9 30.42 -18.37 -23.65
N GLY B 10 29.70 -18.30 -22.55
CA GLY B 10 29.70 -17.12 -21.70
C GLY B 10 31.10 -16.68 -21.37
N ASN B 11 31.21 -15.47 -20.83
CA ASN B 11 32.47 -14.88 -20.47
C ASN B 11 33.09 -15.55 -19.25
N PRO B 12 34.37 -15.96 -19.36
CA PRO B 12 35.14 -16.67 -18.34
C PRO B 12 35.37 -15.86 -17.07
N SER B 13 35.05 -14.56 -17.09
CA SER B 13 35.18 -13.75 -15.89
C SER B 13 34.05 -14.06 -14.92
N ASP B 14 32.99 -14.68 -15.44
CA ASP B 14 31.85 -15.04 -14.62
C ASP B 14 31.99 -16.48 -14.12
N TRP B 15 33.06 -17.14 -14.56
CA TRP B 15 33.40 -18.50 -14.16
C TRP B 15 33.70 -18.58 -12.67
N PRO B 16 33.40 -19.74 -12.07
CA PRO B 16 33.78 -20.08 -10.68
C PRO B 16 35.29 -20.24 -10.56
N THR B 17 35.78 -20.42 -9.35
CA THR B 17 37.17 -20.78 -9.15
C THR B 17 37.33 -22.19 -9.69
N ILE B 18 38.20 -22.35 -10.70
CA ILE B 18 38.38 -23.65 -11.31
C ILE B 18 39.67 -24.31 -10.82
N GLU B 19 39.54 -25.56 -10.37
CA GLU B 19 40.68 -26.33 -9.91
C GLU B 19 40.71 -27.61 -10.72
N PRO B 20 41.56 -27.65 -11.75
CA PRO B 20 41.56 -28.68 -12.81
C PRO B 20 41.86 -30.09 -12.29
N ALA B 21 42.56 -30.18 -11.17
CA ALA B 21 42.86 -31.46 -10.57
C ALA B 21 41.56 -32.21 -10.24
N THR B 22 40.49 -31.45 -10.00
CA THR B 22 39.25 -32.05 -9.52
C THR B 22 38.25 -32.32 -10.63
N TYR B 23 38.68 -32.23 -11.88
CA TYR B 23 37.82 -32.60 -12.99
C TYR B 23 38.53 -33.67 -13.82
N ASP B 24 37.76 -34.63 -14.31
CA ASP B 24 38.31 -35.82 -14.97
C ASP B 24 38.15 -35.74 -16.46
N TYR B 25 37.11 -35.02 -16.89
CA TYR B 25 36.73 -34.86 -18.30
C TYR B 25 36.31 -33.41 -18.51
N PHE B 26 36.72 -32.83 -19.63
CA PHE B 26 36.42 -31.42 -19.90
C PHE B 26 35.65 -31.27 -21.20
N VAL B 27 34.42 -30.78 -21.13
CA VAL B 27 33.62 -30.58 -22.34
C VAL B 27 33.56 -29.11 -22.78
N GLY B 28 33.77 -28.86 -24.07
CA GLY B 28 33.57 -27.53 -24.62
C GLY B 28 32.25 -27.41 -25.35
N ILE B 29 31.46 -26.40 -25.02
CA ILE B 29 30.27 -26.11 -25.82
C ILE B 29 30.48 -24.86 -26.69
N ASP B 30 30.38 -25.05 -28.01
CA ASP B 30 30.67 -24.00 -28.98
C ASP B 30 31.90 -23.25 -28.55
N ARG B 31 31.72 -22.04 -28.07
CA ARG B 31 32.86 -21.19 -27.76
C ARG B 31 33.58 -21.59 -26.47
N GLY B 32 32.95 -22.40 -25.65
CA GLY B 32 33.62 -22.86 -24.45
C GLY B 32 34.88 -23.60 -24.85
N CYS B 33 34.88 -24.18 -26.05
CA CYS B 33 36.04 -24.88 -26.54
C CYS B 33 37.24 -23.97 -26.58
N LEU B 34 37.06 -22.79 -27.17
CA LEU B 34 38.15 -21.82 -27.30
C LEU B 34 38.52 -21.32 -25.93
N HIS B 35 37.49 -21.20 -25.11
CA HIS B 35 37.61 -20.70 -23.75
C HIS B 35 38.38 -21.64 -22.84
N LEU B 36 38.11 -22.93 -22.96
CA LEU B 36 38.88 -23.92 -22.23
C LEU B 36 40.32 -23.83 -22.71
N LEU B 37 40.51 -23.86 -24.02
CA LEU B 37 41.84 -23.83 -24.60
C LEU B 37 42.65 -22.63 -24.20
N GLU B 38 42.09 -21.44 -24.44
CA GLU B 38 42.80 -20.20 -24.10
C GLU B 38 43.04 -20.08 -22.61
N ALA B 39 42.41 -20.96 -21.83
CA ALA B 39 42.53 -20.97 -20.38
C ALA B 39 43.54 -22.04 -19.91
N ASP B 40 44.27 -22.60 -20.88
CA ASP B 40 45.20 -23.72 -20.65
C ASP B 40 44.58 -24.87 -19.87
N LEU B 41 43.40 -25.29 -20.31
CA LEU B 41 42.71 -26.41 -19.70
C LEU B 41 42.47 -27.46 -20.77
N PRO B 42 42.39 -28.72 -20.36
CA PRO B 42 42.13 -29.79 -21.32
C PRO B 42 40.85 -29.54 -22.13
N LEU B 43 40.70 -30.27 -23.23
CA LEU B 43 39.49 -30.26 -24.04
C LEU B 43 39.28 -31.65 -24.62
N GLN B 44 38.44 -32.47 -23.98
CA GLN B 44 38.23 -33.83 -24.45
C GLN B 44 37.07 -33.96 -25.41
N LEU B 45 35.97 -33.29 -25.12
CA LEU B 45 34.80 -33.32 -25.99
C LEU B 45 34.49 -31.89 -26.45
N ALA B 46 33.99 -31.75 -27.69
CA ALA B 46 33.67 -30.44 -28.26
C ALA B 46 32.35 -30.55 -28.96
N VAL B 47 31.35 -29.80 -28.50
CA VAL B 47 29.97 -30.00 -28.91
C VAL B 47 29.29 -28.72 -29.37
N GLY B 48 28.45 -28.84 -30.40
CA GLY B 48 27.67 -27.73 -30.89
C GLY B 48 27.54 -27.70 -32.40
N ASP B 49 27.01 -26.59 -32.89
CA ASP B 49 27.00 -26.28 -34.30
C ASP B 49 28.23 -25.42 -34.62
N PHE B 50 28.75 -24.72 -33.63
CA PHE B 50 29.99 -23.96 -33.81
C PHE B 50 29.81 -22.78 -34.77
N ASP B 51 28.57 -22.38 -35.01
CA ASP B 51 28.31 -21.28 -35.94
C ASP B 51 28.66 -19.91 -35.38
N SER B 52 29.31 -19.89 -34.22
CA SER B 52 29.74 -18.65 -33.61
C SER B 52 31.25 -18.50 -33.70
N LEU B 53 31.89 -19.43 -34.40
CA LEU B 53 33.35 -19.34 -34.57
C LEU B 53 33.81 -19.11 -36.01
N SER B 54 34.91 -18.38 -36.13
CA SER B 54 35.60 -18.24 -37.41
C SER B 54 36.14 -19.59 -37.86
N ARG B 55 36.31 -19.74 -39.17
CA ARG B 55 36.84 -20.98 -39.73
C ARG B 55 38.20 -21.27 -39.09
N GLU B 56 39.01 -20.22 -38.92
CA GLU B 56 40.30 -20.34 -38.25
C GLU B 56 40.20 -20.78 -36.79
N GLU B 57 39.08 -20.46 -36.14
CA GLU B 57 38.82 -20.92 -34.78
C GLU B 57 38.27 -22.33 -34.75
N TYR B 58 37.44 -22.68 -35.72
CA TYR B 58 36.83 -24.00 -35.72
C TYR B 58 37.86 -25.06 -36.12
N HIS B 59 38.88 -24.67 -36.86
CA HIS B 59 39.95 -25.60 -37.21
C HIS B 59 40.80 -25.82 -35.98
N PHE B 60 41.14 -24.72 -35.32
CA PHE B 60 41.90 -24.79 -34.10
C PHE B 60 41.22 -25.77 -33.16
N VAL B 61 39.93 -25.57 -32.91
CA VAL B 61 39.18 -26.50 -32.09
C VAL B 61 39.22 -27.91 -32.67
N GLN B 62 38.99 -28.03 -33.97
CA GLN B 62 39.00 -29.34 -34.64
C GLN B 62 40.31 -30.14 -34.39
N GLU B 63 41.43 -29.44 -34.43
CA GLU B 63 42.74 -30.07 -34.29
C GLU B 63 43.09 -30.49 -32.85
N THR B 64 42.33 -30.00 -31.88
CA THR B 64 42.73 -30.16 -30.49
C THR B 64 41.84 -31.12 -29.68
N THR B 65 40.53 -30.91 -29.72
CA THR B 65 39.60 -31.80 -29.05
C THR B 65 39.90 -33.24 -29.43
N GLU B 66 39.82 -34.16 -28.46
CA GLU B 66 39.92 -35.58 -28.76
C GLU B 66 38.61 -36.13 -29.31
N THR B 67 37.53 -35.35 -29.21
CA THR B 67 36.27 -35.78 -29.79
C THR B 67 35.42 -34.57 -30.16
N LEU B 68 35.04 -34.51 -31.41
CA LEU B 68 34.21 -33.44 -31.95
C LEU B 68 32.87 -34.03 -32.30
N ILE B 69 31.84 -33.59 -31.61
CA ILE B 69 30.49 -33.87 -32.04
C ILE B 69 29.99 -32.61 -32.75
N GLN B 70 29.70 -32.74 -34.04
CA GLN B 70 29.20 -31.61 -34.84
C GLN B 70 27.70 -31.71 -35.04
N ALA B 71 26.96 -30.71 -34.62
CA ALA B 71 25.52 -30.73 -34.83
C ALA B 71 25.14 -29.90 -36.07
N PRO B 72 23.89 -30.06 -36.53
CA PRO B 72 23.39 -29.13 -37.55
C PRO B 72 23.16 -27.73 -36.96
N ALA B 73 22.69 -26.77 -37.75
CA ALA B 73 22.33 -25.46 -37.19
C ALA B 73 20.85 -25.45 -36.81
N GLU B 74 20.05 -26.10 -37.64
CA GLU B 74 18.62 -26.23 -37.41
C GLU B 74 18.31 -27.58 -36.77
N LYS B 75 18.14 -27.55 -35.44
CA LYS B 75 17.76 -28.74 -34.69
C LYS B 75 16.90 -28.37 -33.49
N ASP B 76 16.42 -29.38 -32.78
CA ASP B 76 15.65 -29.17 -31.56
C ASP B 76 16.53 -28.73 -30.40
N ASP B 77 17.42 -29.61 -29.97
CA ASP B 77 18.23 -29.40 -28.79
C ASP B 77 19.18 -28.22 -28.92
N THR B 78 19.31 -27.43 -27.86
CA THR B 78 20.38 -26.45 -27.76
C THR B 78 21.70 -27.24 -27.82
N ASP B 79 22.80 -26.57 -28.13
CA ASP B 79 24.10 -27.21 -28.06
C ASP B 79 24.33 -27.79 -26.67
N THR B 80 23.80 -27.09 -25.66
CA THR B 80 24.08 -27.47 -24.28
C THR B 80 23.29 -28.70 -23.82
N GLN B 81 22.03 -28.82 -24.21
CA GLN B 81 21.31 -30.04 -23.91
C GLN B 81 22.10 -31.21 -24.49
N LEU B 82 22.73 -30.96 -25.61
CA LEU B 82 23.46 -31.99 -26.33
C LEU B 82 24.74 -32.40 -25.59
N ALA B 83 25.54 -31.42 -25.20
CA ALA B 83 26.79 -31.67 -24.50
C ALA B 83 26.54 -32.48 -23.22
N LEU B 84 25.42 -32.19 -22.57
CA LEU B 84 25.05 -32.86 -21.33
C LEU B 84 24.60 -34.26 -21.65
N GLN B 85 23.82 -34.41 -22.71
CA GLN B 85 23.41 -35.74 -23.09
C GLN B 85 24.63 -36.61 -23.37
N GLU B 86 25.59 -36.08 -24.13
CA GLU B 86 26.76 -36.85 -24.49
C GLU B 86 27.70 -37.12 -23.31
N ALA B 87 27.97 -36.11 -22.49
CA ALA B 87 28.86 -36.31 -21.35
C ALA B 87 28.29 -37.34 -20.38
N LEU B 88 26.97 -37.35 -20.23
CA LEU B 88 26.27 -38.34 -19.44
C LEU B 88 26.36 -39.75 -20.03
N GLN B 89 26.58 -39.86 -21.33
CA GLN B 89 26.74 -41.17 -21.89
C GLN B 89 28.07 -41.72 -21.39
N ARG B 90 29.13 -40.96 -21.63
CA ARG B 90 30.46 -41.30 -21.14
C ARG B 90 30.62 -41.40 -19.61
N PHE B 91 29.82 -40.67 -18.85
CA PHE B 91 30.01 -40.57 -17.40
C PHE B 91 28.68 -40.51 -16.68
N PRO B 92 27.88 -41.56 -16.80
CA PRO B 92 26.49 -41.66 -16.34
C PRO B 92 26.27 -41.36 -14.85
N GLN B 93 27.29 -41.57 -14.02
CA GLN B 93 27.18 -41.31 -12.58
C GLN B 93 27.98 -40.10 -12.13
N ALA B 94 28.45 -39.31 -13.08
CA ALA B 94 29.36 -38.23 -12.72
C ALA B 94 28.62 -36.94 -12.39
N GLU B 95 29.29 -36.08 -11.63
CA GLU B 95 28.79 -34.74 -11.33
C GLU B 95 29.05 -33.82 -12.52
N THR B 97 29.31 -30.34 -13.65
CA THR B 97 29.42 -28.93 -13.30
C THR B 97 29.32 -28.00 -14.51
N ILE B 98 28.14 -27.44 -14.77
CA ILE B 98 27.99 -26.50 -15.90
C ILE B 98 28.48 -25.08 -15.61
N ILE B 99 29.15 -24.49 -16.59
CA ILE B 99 29.83 -23.20 -16.43
C ILE B 99 29.58 -22.27 -17.62
N GLY B 100 29.88 -20.98 -17.48
CA GLY B 100 29.65 -20.04 -18.55
C GLY B 100 28.26 -20.07 -19.16
N ALA B 101 27.24 -20.35 -18.36
CA ALA B 101 25.86 -20.38 -18.85
C ALA B 101 24.98 -19.27 -18.28
N THR B 102 25.61 -18.27 -17.66
CA THR B 102 24.91 -17.18 -16.97
C THR B 102 25.46 -15.79 -17.38
N GLY B 103 25.13 -14.78 -16.59
CA GLY B 103 25.72 -13.47 -16.77
C GLY B 103 25.36 -12.66 -18.02
N GLY B 104 24.56 -13.22 -18.91
CA GLY B 104 24.15 -12.52 -20.12
C GLY B 104 22.66 -12.62 -20.38
N ARG B 105 22.29 -13.22 -21.52
CA ARG B 105 20.88 -13.43 -21.83
C ARG B 105 20.21 -14.34 -20.79
N ILE B 106 19.00 -13.97 -20.43
CA ILE B 106 18.30 -14.60 -19.34
C ILE B 106 17.38 -15.72 -19.82
N ASP B 107 16.98 -15.65 -21.10
CA ASP B 107 16.18 -16.71 -21.69
C ASP B 107 17.07 -17.94 -21.88
N HIS B 108 18.38 -17.70 -21.84
CA HIS B 108 19.34 -18.76 -22.02
C HIS B 108 19.71 -19.26 -20.63
N LEU B 109 19.72 -18.36 -19.66
CA LEU B 109 20.01 -18.76 -18.28
C LEU B 109 18.92 -19.70 -17.80
N LEU B 110 17.67 -19.34 -18.07
CA LEU B 110 16.53 -20.16 -17.69
C LEU B 110 16.55 -21.55 -18.35
N ALA B 111 16.87 -21.58 -19.64
CA ALA B 111 16.95 -22.84 -20.34
C ALA B 111 17.96 -23.78 -19.68
N ASN B 112 18.94 -23.21 -18.98
CA ASN B 112 19.95 -23.97 -18.26
C ASN B 112 19.48 -24.29 -16.84
N LEU B 113 18.74 -23.38 -16.24
CA LEU B 113 18.26 -23.59 -14.89
C LEU B 113 17.26 -24.72 -14.90
N TRP B 114 16.61 -24.90 -16.04
CA TRP B 114 15.51 -25.85 -16.14
C TRP B 114 15.88 -27.18 -16.76
N LEU B 115 17.17 -27.44 -16.94
CA LEU B 115 17.61 -28.69 -17.52
C LEU B 115 17.11 -29.97 -16.75
N PRO B 116 17.24 -29.98 -15.41
CA PRO B 116 16.72 -31.11 -14.63
C PRO B 116 15.24 -31.42 -14.89
N PHE B 117 14.49 -30.43 -15.36
CA PHE B 117 13.06 -30.61 -15.60
C PHE B 117 12.75 -31.63 -16.69
N GLU B 118 13.70 -31.80 -17.60
CA GLU B 118 13.52 -32.65 -18.77
C GLU B 118 13.63 -34.11 -18.40
N PRO B 119 12.75 -34.95 -18.97
CA PRO B 119 12.75 -36.39 -18.64
C PRO B 119 14.15 -37.02 -18.74
N ARG B 120 14.86 -36.74 -19.82
CA ARG B 120 16.16 -37.35 -20.04
C ARG B 120 17.23 -36.97 -19.01
N PHE B 121 16.95 -35.97 -18.19
CA PHE B 121 17.93 -35.47 -17.23
C PHE B 121 17.42 -35.60 -15.79
N GLN B 122 16.10 -35.59 -15.62
CA GLN B 122 15.51 -35.68 -14.30
C GLN B 122 16.16 -36.77 -13.46
N GLY B 123 16.31 -37.95 -14.05
CA GLY B 123 17.01 -39.06 -13.41
C GLY B 123 18.35 -38.71 -12.78
N VAL B 124 19.02 -37.68 -13.29
CA VAL B 124 20.29 -37.29 -12.72
C VAL B 124 20.30 -35.84 -12.19
N LEU B 125 19.13 -35.36 -11.74
CA LEU B 125 19.02 -34.01 -11.23
C LEU B 125 20.01 -33.76 -10.09
N ARG B 126 20.33 -34.82 -9.37
CA ARG B 126 21.19 -34.70 -8.20
C ARG B 126 22.65 -34.44 -8.58
N GLN B 127 23.02 -34.77 -9.82
CA GLN B 127 24.38 -34.56 -10.32
C GLN B 127 24.59 -33.26 -11.11
N ILE B 128 23.51 -32.62 -11.56
CA ILE B 128 23.57 -31.43 -12.39
C ILE B 128 23.85 -30.16 -11.60
N ARG B 129 24.93 -29.47 -11.91
CA ARG B 129 25.38 -28.40 -11.05
C ARG B 129 25.84 -27.12 -11.82
N LEU B 130 25.03 -26.05 -11.72
CA LEU B 130 25.23 -24.75 -12.38
C LEU B 130 26.09 -23.75 -11.58
N CYS B 131 27.20 -23.30 -12.14
CA CYS B 131 28.10 -22.44 -11.37
C CYS B 131 28.62 -21.17 -12.06
N ASP B 132 28.81 -20.12 -11.26
CA ASP B 132 29.47 -18.90 -11.73
C ASP B 132 30.13 -18.20 -10.55
N ARG B 133 30.89 -17.15 -10.80
CA ARG B 133 31.69 -16.51 -9.75
C ARG B 133 30.89 -16.32 -8.46
N GLN B 134 29.61 -16.03 -8.59
CA GLN B 134 28.80 -15.59 -7.44
C GLN B 134 27.76 -16.58 -6.92
N ASN B 135 27.40 -17.57 -7.74
CA ASN B 135 26.33 -18.49 -7.40
C ASN B 135 26.72 -19.93 -7.61
N SER B 136 25.99 -20.80 -6.93
CA SER B 136 26.27 -22.21 -6.95
C SER B 136 25.00 -23.02 -6.71
N ILE B 137 24.46 -23.61 -7.77
CA ILE B 137 23.11 -24.16 -7.77
C ILE B 137 23.12 -25.68 -7.83
N GLN B 138 22.31 -26.29 -6.96
CA GLN B 138 22.14 -27.74 -6.91
C GLN B 138 20.67 -28.03 -6.98
N TYR B 139 20.33 -29.24 -7.41
CA TYR B 139 18.92 -29.60 -7.51
C TYR B 139 18.50 -30.72 -6.56
N TYR B 140 17.22 -30.75 -6.19
CA TYR B 140 16.71 -31.77 -5.27
C TYR B 140 15.26 -32.12 -5.50
N ALA B 141 14.93 -33.41 -5.52
CA ALA B 141 13.53 -33.83 -5.51
C ALA B 141 13.04 -34.04 -4.07
N PRO B 142 11.75 -34.35 -3.89
CA PRO B 142 11.23 -34.53 -2.54
C PRO B 142 12.12 -35.47 -1.72
N GLY B 143 12.24 -35.20 -0.43
CA GLY B 143 13.10 -36.00 0.42
C GLY B 143 13.56 -35.17 1.59
N SER B 144 14.62 -35.62 2.25
CA SER B 144 15.15 -35.00 3.46
C SER B 144 16.65 -34.92 3.32
N TYR B 145 17.24 -33.74 3.42
CA TYR B 145 18.65 -33.58 3.09
C TYR B 145 19.42 -32.70 4.06
N ILE B 146 20.74 -32.87 4.08
CA ILE B 146 21.60 -31.88 4.74
C ILE B 146 22.52 -31.29 3.65
N VAL B 147 22.72 -29.98 3.72
CA VAL B 147 23.40 -29.22 2.70
C VAL B 147 24.63 -28.67 3.36
N PRO B 148 25.81 -29.12 2.93
CA PRO B 148 27.00 -28.62 3.61
C PRO B 148 27.37 -27.26 3.04
N LYS B 149 27.70 -26.31 3.90
CA LYS B 149 28.04 -24.97 3.47
C LYS B 149 29.31 -24.95 2.63
N GLU B 150 29.25 -24.37 1.44
CA GLU B 150 30.46 -24.07 0.66
C GLU B 150 31.17 -22.91 1.35
N PRO B 151 32.49 -23.05 1.54
CA PRO B 151 33.23 -22.04 2.32
C PRO B 151 33.06 -20.62 1.77
N ASP B 152 33.30 -20.42 0.48
CA ASP B 152 33.38 -19.06 -0.06
C ASP B 152 32.04 -18.35 -0.18
N LYS B 153 30.95 -19.09 -0.05
CA LYS B 153 29.61 -18.53 -0.24
C LYS B 153 29.05 -17.93 1.03
N GLU B 154 28.36 -16.80 0.92
CA GLU B 154 27.87 -16.10 2.11
C GLU B 154 26.41 -16.36 2.47
N TYR B 155 25.60 -16.79 1.50
CA TYR B 155 24.16 -16.88 1.73
C TYR B 155 23.63 -18.18 1.22
N LEU B 156 22.45 -18.55 1.67
CA LEU B 156 21.81 -19.80 1.28
C LEU B 156 20.41 -19.50 0.81
N ALA B 157 19.90 -20.25 -0.16
CA ALA B 157 18.54 -19.99 -0.64
C ALA B 157 17.82 -21.24 -1.11
N TYR B 158 16.54 -21.35 -0.77
CA TYR B 158 15.74 -22.45 -1.25
C TYR B 158 14.73 -21.92 -2.23
N CYS B 159 15.04 -22.13 -3.51
CA CYS B 159 14.20 -21.66 -4.59
C CYS B 159 13.33 -22.80 -5.08
N CYS B 160 12.04 -22.73 -4.80
CA CYS B 160 11.12 -23.72 -5.30
C CYS B 160 10.72 -23.41 -6.75
N LEU B 161 11.30 -24.16 -7.69
CA LEU B 161 11.03 -24.00 -9.10
C LEU B 161 9.64 -24.48 -9.44
N THR B 162 8.93 -25.01 -8.46
CA THR B 162 7.54 -25.43 -8.66
C THR B 162 6.81 -25.30 -7.36
N PRO B 163 5.47 -25.41 -7.37
CA PRO B 163 4.76 -25.53 -6.10
C PRO B 163 5.36 -26.66 -5.28
N VAL B 164 5.67 -26.37 -4.02
CA VAL B 164 6.30 -27.34 -3.14
C VAL B 164 5.41 -27.66 -1.94
N GLU B 165 5.37 -28.93 -1.55
CA GLU B 165 4.55 -29.34 -0.41
C GLU B 165 5.35 -29.55 0.86
N ASN B 166 4.77 -29.15 1.99
CA ASN B 166 5.33 -29.46 3.30
C ASN B 166 6.86 -29.27 3.38
N LEU B 167 7.29 -28.01 3.32
CA LEU B 167 8.70 -27.70 3.32
C LEU B 167 9.17 -27.18 4.66
N THR B 168 10.13 -27.89 5.25
CA THR B 168 10.67 -27.58 6.56
C THR B 168 12.17 -27.35 6.45
N LEU B 169 12.65 -26.26 7.04
CA LEU B 169 14.06 -25.92 7.03
C LEU B 169 14.54 -25.89 8.48
N ARG B 170 15.75 -26.39 8.73
CA ARG B 170 16.35 -26.32 10.05
C ARG B 170 17.82 -25.96 9.93
N ARG B 171 18.45 -25.60 11.04
CA ARG B 171 19.89 -25.39 11.08
C ARG B 171 20.37 -24.30 10.16
N SER B 172 19.62 -23.20 10.13
CA SER B 172 19.91 -22.08 9.25
C SER B 172 19.29 -20.83 9.88
N LYS B 173 19.81 -19.66 9.55
CA LYS B 173 19.38 -18.46 10.23
C LYS B 173 17.87 -18.26 10.17
N TYR B 174 17.22 -18.80 9.15
CA TYR B 174 15.77 -18.63 8.99
C TYR B 174 15.11 -19.98 8.77
N LEU B 175 13.86 -20.11 9.22
CA LEU B 175 13.18 -21.40 9.20
C LEU B 175 11.80 -21.36 8.53
N LEU B 176 11.36 -22.53 8.08
CA LEU B 176 9.98 -22.80 7.76
C LEU B 176 9.66 -24.14 8.41
N THR B 177 8.44 -24.32 8.90
CA THR B 177 8.07 -25.66 9.29
C THR B 177 6.77 -26.07 8.61
N ASN B 178 6.85 -27.14 7.82
CA ASN B 178 5.68 -27.70 7.16
C ASN B 178 4.98 -26.69 6.27
N GLN B 179 5.79 -25.85 5.63
CA GLN B 179 5.31 -24.75 4.79
C GLN B 179 4.85 -25.22 3.42
N ASP B 180 3.70 -24.71 3.00
CA ASP B 180 3.23 -25.00 1.68
C ASP B 180 3.65 -23.86 0.75
N VAL B 181 4.29 -24.20 -0.38
CA VAL B 181 4.71 -23.20 -1.37
C VAL B 181 3.88 -23.38 -2.63
N PRO B 182 2.80 -22.60 -2.78
CA PRO B 182 1.76 -22.85 -3.80
C PRO B 182 2.15 -22.47 -5.23
N TYR B 183 3.14 -21.59 -5.38
CA TYR B 183 3.61 -21.12 -6.68
C TYR B 183 5.11 -20.96 -6.49
N PRO B 184 5.88 -20.82 -7.58
CA PRO B 184 7.32 -20.70 -7.38
C PRO B 184 7.73 -19.54 -6.46
N THR B 185 8.45 -19.85 -5.41
CA THR B 185 8.85 -18.85 -4.42
C THR B 185 10.32 -19.01 -4.17
N SER B 186 11.04 -17.93 -3.90
CA SER B 186 12.48 -18.03 -3.72
C SER B 186 12.92 -17.50 -2.35
N TYR B 187 12.79 -18.34 -1.34
CA TYR B 187 13.25 -18.01 0.00
C TYR B 187 14.73 -17.72 -0.06
N ALA B 188 15.06 -16.43 -0.12
CA ALA B 188 16.26 -15.99 -0.81
C ALA B 188 17.51 -15.65 -0.01
N SER B 189 17.39 -15.17 1.21
CA SER B 189 18.62 -14.66 1.81
C SER B 189 18.92 -15.25 3.17
N ASN B 190 18.73 -16.56 3.25
CA ASN B 190 19.08 -17.33 4.42
C ASN B 190 20.59 -17.31 4.61
N GLU B 191 21.04 -17.75 5.77
CA GLU B 191 22.45 -17.88 6.07
C GLU B 191 22.69 -19.14 6.87
N PHE B 192 23.86 -19.73 6.70
CA PHE B 192 24.23 -20.91 7.46
C PHE B 192 24.52 -20.56 8.94
N ILE B 193 24.21 -21.51 9.82
CA ILE B 193 24.42 -21.32 11.25
C ILE B 193 25.66 -22.06 11.75
N GLU B 194 25.88 -23.28 11.26
CA GLU B 194 27.05 -24.08 11.65
C GLU B 194 27.49 -25.10 10.63
N GLU B 195 28.04 -24.65 9.51
CA GLU B 195 28.71 -25.55 8.58
C GLU B 195 27.79 -26.51 7.81
N ALA B 196 26.54 -26.63 8.23
CA ALA B 196 25.54 -27.34 7.44
C ALA B 196 24.10 -27.06 7.86
N ALA B 197 23.20 -27.00 6.88
CA ALA B 197 21.77 -26.84 7.13
C ALA B 197 21.06 -28.05 6.55
N ALA B 198 19.74 -28.08 6.66
CA ALA B 198 19.00 -29.24 6.24
C ALA B 198 17.54 -28.89 5.96
N PHE B 199 16.90 -29.65 5.08
CA PHE B 199 15.50 -29.40 4.77
C PHE B 199 14.85 -30.67 4.30
N SER B 200 13.51 -30.67 4.30
CA SER B 200 12.74 -31.80 3.81
C SER B 200 11.52 -31.23 3.07
N PHE B 201 10.99 -31.99 2.11
CA PHE B 201 9.74 -31.61 1.44
C PHE B 201 9.12 -32.79 0.71
N ASP B 202 7.80 -32.78 0.60
CA ASP B 202 7.08 -33.93 0.04
C ASP B 202 6.86 -33.90 -1.47
N ALA B 203 6.81 -32.71 -2.07
CA ALA B 203 6.50 -32.60 -3.51
C ALA B 203 7.20 -31.43 -4.21
N GLY B 204 7.38 -31.54 -5.52
CA GLY B 204 7.98 -30.48 -6.32
C GLY B 204 9.50 -30.50 -6.46
N ILE B 206 13.28 -28.14 -6.10
CA ILE B 206 13.86 -27.03 -5.41
C ILE B 206 15.29 -26.87 -5.87
N ALA B 207 15.65 -25.64 -6.21
CA ALA B 207 17.03 -25.40 -6.55
C ALA B 207 17.65 -24.78 -5.32
N VAL B 208 18.69 -25.40 -4.81
CA VAL B 208 19.36 -24.88 -3.63
C VAL B 208 20.53 -24.04 -4.11
N ILE B 209 20.45 -22.74 -3.87
CA ILE B 209 21.44 -21.79 -4.35
C ILE B 209 22.21 -21.25 -3.17
N GLN B 210 23.50 -21.50 -3.16
CA GLN B 210 24.39 -20.79 -2.26
C GLN B 210 25.02 -19.69 -3.09
N SER B 211 25.26 -18.53 -2.50
CA SER B 211 25.79 -17.40 -3.26
C SER B 211 26.48 -16.40 -2.36
N LYS B 212 27.02 -15.35 -2.97
CA LYS B 212 27.80 -14.35 -2.26
C LYS B 212 27.79 -13.09 -3.09
N ASP B 213 28.20 -11.98 -2.48
CA ASP B 213 28.08 -10.69 -3.15
C ASP B 213 29.24 -10.31 -4.06
N LYS B 214 28.97 -9.29 -4.85
CA LYS B 214 29.94 -8.70 -5.78
C LYS B 214 31.31 -8.49 -5.09
N SER C 2 -28.34 41.79 12.35
CA SER C 2 -29.42 41.22 13.17
C SER C 2 -28.99 39.81 13.57
N ARG C 3 -28.57 39.65 14.83
CA ARG C 3 -27.79 38.49 15.27
C ARG C 3 -28.24 37.86 16.62
N VAL C 4 -28.81 36.66 16.53
CA VAL C 4 -29.25 35.91 17.70
C VAL C 4 -28.25 34.82 18.05
N LEU C 5 -27.76 34.82 19.30
CA LEU C 5 -26.80 33.83 19.76
C LEU C 5 -27.48 32.71 20.53
N LEU C 6 -27.24 31.48 20.13
CA LEU C 6 -27.73 30.32 20.86
C LEU C 6 -26.58 29.64 21.60
N VAL C 7 -26.80 29.32 22.87
CA VAL C 7 -25.81 28.62 23.68
C VAL C 7 -26.35 27.27 24.14
N ALA C 8 -25.60 26.19 23.89
CA ALA C 8 -25.93 24.90 24.50
C ALA C 8 -25.04 24.57 25.70
N GLY C 9 -25.25 23.36 26.23
CA GLY C 9 -24.65 22.94 27.47
C GLY C 9 -23.15 22.77 27.49
N GLY C 10 -22.56 22.49 26.32
CA GLY C 10 -21.14 22.27 26.18
C GLY C 10 -20.25 23.20 26.98
N ASN C 11 -19.00 22.79 27.18
CA ASN C 11 -18.05 23.56 27.98
C ASN C 11 -17.73 24.90 27.34
N PRO C 12 -18.03 26.00 28.05
CA PRO C 12 -17.83 27.37 27.57
C PRO C 12 -16.38 27.72 27.25
N SER C 13 -15.45 26.89 27.67
CA SER C 13 -14.05 27.11 27.30
C SER C 13 -13.83 26.72 25.84
N ASP C 14 -14.80 26.00 25.28
CA ASP C 14 -14.84 25.67 23.85
C ASP C 14 -15.70 26.69 23.14
N TRP C 15 -15.63 27.93 23.62
CA TRP C 15 -16.41 29.04 23.10
C TRP C 15 -15.51 29.93 22.26
N PRO C 16 -16.08 30.61 21.25
CA PRO C 16 -15.30 31.53 20.43
C PRO C 16 -15.21 32.90 21.11
N THR C 17 -14.14 33.65 20.85
CA THR C 17 -14.13 35.05 21.19
C THR C 17 -15.51 35.57 20.81
N ILE C 18 -16.23 36.10 21.78
CA ILE C 18 -17.56 36.61 21.53
C ILE C 18 -17.63 38.13 21.79
N GLU C 19 -18.21 38.88 20.85
CA GLU C 19 -18.35 40.33 21.00
C GLU C 19 -19.77 40.72 21.38
N PRO C 20 -20.07 40.73 22.69
CA PRO C 20 -21.44 40.79 23.22
C PRO C 20 -22.35 41.83 22.54
N ALA C 21 -21.79 42.99 22.20
CA ALA C 21 -22.58 44.06 21.61
C ALA C 21 -23.01 43.72 20.18
N THR C 22 -22.43 42.68 19.61
CA THR C 22 -22.78 42.26 18.26
C THR C 22 -23.93 41.24 18.19
N TYR C 23 -24.59 40.96 19.31
CA TYR C 23 -25.81 40.16 19.30
C TYR C 23 -26.97 40.97 19.87
N ASP C 24 -28.18 40.73 19.36
CA ASP C 24 -29.37 41.47 19.80
C ASP C 24 -30.35 40.64 20.63
N TYR C 25 -30.01 39.37 20.84
CA TYR C 25 -30.91 38.45 21.52
C TYR C 25 -30.05 37.27 21.93
N PHE C 26 -30.22 36.81 23.16
CA PHE C 26 -29.40 35.72 23.66
C PHE C 26 -30.27 34.54 24.07
N VAL C 27 -30.10 33.43 23.37
CA VAL C 27 -30.83 32.22 23.70
C VAL C 27 -29.98 31.24 24.49
N GLY C 28 -30.60 30.63 25.49
CA GLY C 28 -29.96 29.61 26.29
C GLY C 28 -30.66 28.28 26.11
N ILE C 29 -29.87 27.26 25.79
CA ILE C 29 -30.39 25.90 25.72
C ILE C 29 -29.95 25.14 26.98
N ASP C 30 -30.93 24.67 27.74
CA ASP C 30 -30.67 23.94 28.99
C ASP C 30 -29.57 24.59 29.78
N ARG C 31 -28.50 23.84 30.00
CA ARG C 31 -27.40 24.36 30.77
C ARG C 31 -26.83 25.65 30.16
N GLY C 32 -27.02 25.82 28.86
CA GLY C 32 -26.52 27.00 28.19
C GLY C 32 -27.00 28.27 28.87
N CYS C 33 -28.23 28.24 29.40
CA CYS C 33 -28.79 29.36 30.13
C CYS C 33 -27.88 29.77 31.28
N LEU C 34 -27.46 28.77 32.05
CA LEU C 34 -26.62 29.04 33.20
C LEU C 34 -25.29 29.61 32.76
N HIS C 35 -24.77 29.10 31.65
CA HIS C 35 -23.46 29.53 31.16
C HIS C 35 -23.49 30.98 30.77
N LEU C 36 -24.63 31.43 30.26
CA LEU C 36 -24.83 32.82 29.91
C LEU C 36 -24.77 33.66 31.16
N LEU C 37 -25.74 33.47 32.05
CA LEU C 37 -25.77 34.16 33.33
C LEU C 37 -24.42 34.07 34.03
N GLU C 38 -23.91 32.85 34.11
CA GLU C 38 -22.62 32.58 34.71
C GLU C 38 -21.52 33.45 34.09
N ALA C 39 -21.72 33.83 32.83
CA ALA C 39 -20.72 34.61 32.12
C ALA C 39 -21.19 36.03 31.84
N ASP C 40 -22.12 36.52 32.66
CA ASP C 40 -22.51 37.94 32.61
C ASP C 40 -23.09 38.34 31.26
N LEU C 41 -23.77 37.41 30.60
CA LEU C 41 -24.43 37.67 29.35
C LEU C 41 -25.93 37.67 29.60
N PRO C 42 -26.69 38.40 28.77
CA PRO C 42 -28.15 38.35 28.91
C PRO C 42 -28.72 36.95 28.70
N LEU C 43 -29.80 36.62 29.41
CA LEU C 43 -30.62 35.46 29.06
C LEU C 43 -32.04 35.94 28.77
N GLN C 44 -32.47 35.78 27.53
CA GLN C 44 -33.73 36.37 27.13
C GLN C 44 -34.74 35.29 26.81
N LEU C 45 -34.26 34.24 26.18
CA LEU C 45 -35.09 33.05 25.95
C LEU C 45 -34.36 31.83 26.51
N ALA C 46 -35.03 31.09 27.39
CA ALA C 46 -34.48 29.85 27.90
C ALA C 46 -35.33 28.70 27.39
N VAL C 47 -34.68 27.72 26.74
CA VAL C 47 -35.42 26.62 26.12
C VAL C 47 -34.85 25.24 26.46
N GLY C 48 -35.76 24.28 26.63
CA GLY C 48 -35.38 22.89 26.76
C GLY C 48 -36.35 22.11 27.61
N ASP C 49 -35.87 20.97 28.10
CA ASP C 49 -36.56 20.19 29.11
C ASP C 49 -35.92 20.54 30.45
N PHE C 50 -34.66 20.93 30.41
CA PHE C 50 -33.89 21.33 31.60
C PHE C 50 -33.63 20.16 32.57
N ASP C 51 -33.90 18.94 32.15
CA ASP C 51 -33.73 17.83 33.07
C ASP C 51 -32.25 17.51 33.32
N SER C 52 -31.39 18.48 33.05
CA SER C 52 -29.97 18.37 33.34
C SER C 52 -29.58 19.40 34.40
N LEU C 53 -30.60 20.11 34.89
CA LEU C 53 -30.42 21.17 35.89
C LEU C 53 -30.92 20.79 37.29
N SER C 54 -30.23 21.32 38.30
CA SER C 54 -30.63 21.16 39.69
C SER C 54 -31.71 22.18 39.97
N ARG C 55 -32.60 21.90 40.89
CA ARG C 55 -33.74 22.78 41.07
C ARG C 55 -33.37 24.22 41.45
N GLU C 56 -32.40 24.39 42.34
CA GLU C 56 -31.85 25.73 42.57
C GLU C 56 -31.49 26.38 41.24
N GLU C 57 -30.95 25.58 40.32
CA GLU C 57 -30.57 26.07 39.00
C GLU C 57 -31.78 26.37 38.10
N TYR C 58 -32.81 25.53 38.12
CA TYR C 58 -34.01 25.78 37.29
C TYR C 58 -34.82 26.91 37.87
N HIS C 59 -34.64 27.18 39.15
CA HIS C 59 -35.30 28.32 39.77
C HIS C 59 -34.61 29.58 39.26
N PHE C 60 -33.28 29.60 39.34
CA PHE C 60 -32.46 30.72 38.91
C PHE C 60 -32.65 31.04 37.43
N VAL C 61 -32.54 30.04 36.58
CA VAL C 61 -32.75 30.27 35.17
C VAL C 61 -34.14 30.85 34.97
N GLN C 62 -35.15 30.16 35.49
CA GLN C 62 -36.53 30.54 35.22
C GLN C 62 -36.89 31.94 35.74
N GLU C 63 -36.06 32.46 36.64
CA GLU C 63 -36.29 33.77 37.21
C GLU C 63 -35.66 34.87 36.38
N THR C 64 -34.40 34.67 35.99
CA THR C 64 -33.66 35.69 35.25
C THR C 64 -34.10 35.83 33.77
N THR C 65 -34.53 34.75 33.16
CA THR C 65 -34.99 34.75 31.78
C THR C 65 -36.22 35.66 31.58
N GLU C 66 -36.41 36.16 30.36
CA GLU C 66 -37.61 36.91 30.00
C GLU C 66 -38.64 35.99 29.34
N THR C 67 -38.16 34.89 28.76
CA THR C 67 -39.07 33.86 28.25
C THR C 67 -38.50 32.47 28.59
N LEU C 68 -39.38 31.58 29.04
CA LEU C 68 -39.02 30.19 29.27
C LEU C 68 -39.94 29.34 28.45
N ILE C 69 -39.37 28.52 27.58
CA ILE C 69 -40.17 27.53 26.87
C ILE C 69 -39.85 26.12 27.37
N GLN C 70 -40.62 25.64 28.35
CA GLN C 70 -40.39 24.29 28.87
C GLN C 70 -40.91 23.23 27.91
N ALA C 71 -40.04 22.31 27.54
CA ALA C 71 -40.45 21.17 26.72
C ALA C 71 -40.52 19.91 27.59
N PRO C 72 -41.30 18.91 27.15
CA PRO C 72 -41.30 17.60 27.84
C PRO C 72 -39.91 16.97 27.78
N ALA C 73 -39.69 15.86 28.47
CA ALA C 73 -38.39 15.20 28.39
C ALA C 73 -38.38 14.20 27.24
N GLU C 74 -39.50 13.53 27.04
CA GLU C 74 -39.66 12.62 25.91
C GLU C 74 -40.34 13.34 24.75
N LYS C 75 -39.60 13.57 23.67
CA LYS C 75 -40.10 14.37 22.56
C LYS C 75 -39.34 14.08 21.28
N ASP C 76 -39.90 14.52 20.16
CA ASP C 76 -39.26 14.36 18.87
C ASP C 76 -37.98 15.19 18.82
N ASP C 77 -38.14 16.50 18.87
CA ASP C 77 -37.06 17.44 18.66
C ASP C 77 -36.07 17.48 19.83
N THR C 78 -34.82 17.77 19.52
CA THR C 78 -33.83 17.98 20.56
C THR C 78 -34.13 19.36 21.17
N ASP C 79 -33.47 19.71 22.28
CA ASP C 79 -33.59 21.05 22.83
C ASP C 79 -33.01 22.08 21.89
N THR C 80 -31.93 21.72 21.22
CA THR C 80 -31.24 22.64 20.33
C THR C 80 -32.04 22.92 19.05
N GLN C 81 -32.79 21.94 18.57
CA GLN C 81 -33.71 22.19 17.48
C GLN C 81 -34.73 23.20 17.92
N LEU C 82 -35.47 22.87 18.98
CA LEU C 82 -36.47 23.76 19.52
C LEU C 82 -35.98 25.20 19.59
N ALA C 83 -34.92 25.43 20.36
CA ALA C 83 -34.37 26.76 20.51
C ALA C 83 -34.16 27.48 19.16
N LEU C 84 -33.82 26.72 18.12
CA LEU C 84 -33.63 27.30 16.79
C LEU C 84 -34.96 27.63 16.15
N GLN C 85 -35.93 26.73 16.30
CA GLN C 85 -37.27 26.96 15.81
C GLN C 85 -37.79 28.27 16.35
N GLU C 86 -37.60 28.48 17.65
CA GLU C 86 -38.13 29.64 18.33
C GLU C 86 -37.38 30.93 18.03
N ALA C 87 -36.06 30.88 18.03
CA ALA C 87 -35.31 32.10 17.71
C ALA C 87 -35.63 32.58 16.30
N LEU C 88 -35.82 31.65 15.36
CA LEU C 88 -36.20 32.02 14.00
C LEU C 88 -37.60 32.61 13.87
N GLN C 89 -38.54 32.14 14.69
CA GLN C 89 -39.85 32.73 14.68
C GLN C 89 -39.74 34.21 15.11
N ARG C 90 -38.93 34.44 16.15
CA ARG C 90 -38.71 35.78 16.70
C ARG C 90 -37.68 36.63 15.94
N PHE C 91 -36.99 36.04 14.97
CA PHE C 91 -36.02 36.74 14.13
C PHE C 91 -35.85 35.97 12.84
N PRO C 92 -36.90 35.97 12.01
CA PRO C 92 -36.96 35.17 10.77
C PRO C 92 -35.73 35.30 9.88
N GLN C 93 -34.97 36.37 10.03
CA GLN C 93 -33.87 36.65 9.12
C GLN C 93 -32.55 36.92 9.85
N ALA C 94 -32.50 36.60 11.14
CA ALA C 94 -31.32 36.93 11.92
C ALA C 94 -30.18 35.94 11.70
N GLU C 95 -28.95 36.37 11.93
CA GLU C 95 -27.82 35.46 11.86
C GLU C 95 -27.79 34.63 13.12
N THR C 97 -26.02 32.30 15.31
CA THR C 97 -24.77 31.70 15.77
C THR C 97 -24.96 30.69 16.90
N ILE C 98 -24.76 29.40 16.63
CA ILE C 98 -24.90 28.38 17.65
C ILE C 98 -23.57 28.09 18.33
N ILE C 99 -23.57 28.05 19.66
CA ILE C 99 -22.34 28.05 20.45
C ILE C 99 -22.42 26.91 21.50
N GLY C 100 -21.28 26.51 22.04
CA GLY C 100 -21.24 25.38 22.96
C GLY C 100 -22.00 24.14 22.50
N ALA C 101 -22.05 23.89 21.20
CA ALA C 101 -22.74 22.70 20.69
C ALA C 101 -21.79 21.64 20.11
N THR C 102 -20.51 21.95 20.06
CA THR C 102 -19.56 21.06 19.41
C THR C 102 -18.66 20.36 20.42
N GLY C 103 -19.24 20.08 21.59
CA GLY C 103 -18.54 19.42 22.68
C GLY C 103 -18.08 18.00 22.37
N GLY C 104 -18.50 17.03 23.18
CA GLY C 104 -18.01 15.67 23.05
C GLY C 104 -18.81 14.75 22.16
N ARG C 105 -20.03 14.43 22.57
CA ARG C 105 -20.84 13.43 21.89
C ARG C 105 -20.95 13.65 20.39
N ILE C 106 -20.39 12.72 19.62
CA ILE C 106 -20.34 12.86 18.17
C ILE C 106 -21.70 12.70 17.49
N ASP C 107 -22.65 12.02 18.12
CA ASP C 107 -23.99 11.92 17.52
C ASP C 107 -24.77 13.24 17.60
N HIS C 108 -24.44 14.08 18.57
CA HIS C 108 -25.09 15.36 18.70
C HIS C 108 -24.44 16.42 17.80
N LEU C 109 -23.12 16.51 17.84
CA LEU C 109 -22.40 17.35 16.91
C LEU C 109 -22.96 17.17 15.49
N LEU C 110 -23.19 15.92 15.11
CA LEU C 110 -23.74 15.60 13.79
C LEU C 110 -25.17 16.10 13.62
N ALA C 111 -26.02 15.79 14.58
CA ALA C 111 -27.39 16.26 14.55
C ALA C 111 -27.46 17.77 14.42
N ASN C 112 -26.48 18.49 15.00
CA ASN C 112 -26.33 19.93 14.82
C ASN C 112 -25.80 20.30 13.43
N LEU C 113 -24.77 19.59 12.99
CA LEU C 113 -24.19 19.85 11.68
C LEU C 113 -25.29 19.78 10.60
N TRP C 114 -26.19 18.80 10.73
CA TRP C 114 -27.17 18.56 9.70
C TRP C 114 -28.49 19.31 9.91
N LEU C 115 -28.49 20.29 10.80
CA LEU C 115 -29.68 21.14 10.97
C LEU C 115 -30.23 21.68 9.64
N PRO C 116 -29.37 22.27 8.79
CA PRO C 116 -29.88 22.86 7.54
C PRO C 116 -30.45 21.86 6.54
N PHE C 117 -30.36 20.56 6.83
CA PHE C 117 -30.95 19.55 5.95
C PHE C 117 -32.42 19.38 6.25
N GLU C 118 -32.85 19.93 7.38
CA GLU C 118 -34.23 19.89 7.80
C GLU C 118 -35.11 20.81 6.96
N PRO C 119 -36.18 20.25 6.38
CA PRO C 119 -37.08 21.03 5.54
C PRO C 119 -37.45 22.34 6.22
N ARG C 120 -37.55 22.31 7.55
CA ARG C 120 -37.93 23.50 8.30
C ARG C 120 -36.79 24.49 8.54
N PHE C 121 -35.56 24.09 8.20
CA PHE C 121 -34.39 24.95 8.42
C PHE C 121 -33.66 25.25 7.12
N GLN C 122 -33.89 24.43 6.10
CA GLN C 122 -33.21 24.57 4.82
C GLN C 122 -33.37 25.98 4.24
N GLY C 123 -34.53 26.57 4.48
CA GLY C 123 -34.84 27.89 4.00
C GLY C 123 -33.99 29.01 4.59
N VAL C 124 -33.32 28.73 5.70
CA VAL C 124 -32.52 29.77 6.36
C VAL C 124 -31.04 29.43 6.51
N LEU C 125 -30.60 28.40 5.79
CA LEU C 125 -29.24 27.89 5.91
C LEU C 125 -28.12 28.92 5.81
N ARG C 126 -28.36 30.03 5.13
CA ARG C 126 -27.29 31.02 5.03
C ARG C 126 -27.10 31.74 6.36
N GLN C 127 -28.09 31.63 7.25
CA GLN C 127 -28.03 32.31 8.54
C GLN C 127 -27.48 31.46 9.67
N ILE C 128 -27.62 30.13 9.55
CA ILE C 128 -27.16 29.18 10.57
C ILE C 128 -25.64 29.09 10.64
N ARG C 129 -25.09 29.10 11.84
CA ARG C 129 -23.66 29.32 11.97
C ARG C 129 -22.99 28.72 13.23
N LEU C 130 -22.66 27.43 13.17
CA LEU C 130 -21.97 26.74 14.26
C LEU C 130 -20.56 27.26 14.51
N CYS C 131 -20.23 27.62 15.74
CA CYS C 131 -18.90 28.11 16.04
C CYS C 131 -18.34 27.57 17.35
N ASP C 132 -17.02 27.48 17.43
CA ASP C 132 -16.34 27.19 18.70
C ASP C 132 -14.90 27.72 18.68
N ARG C 133 -14.21 27.58 19.81
CA ARG C 133 -12.84 28.05 19.93
C ARG C 133 -12.05 27.92 18.63
N GLN C 134 -12.16 26.76 17.97
CA GLN C 134 -11.34 26.41 16.81
C GLN C 134 -12.00 26.53 15.43
N ASN C 135 -13.32 26.63 15.36
CA ASN C 135 -14.02 26.45 14.08
C ASN C 135 -15.19 27.41 13.83
N SER C 136 -15.34 27.82 12.57
CA SER C 136 -16.54 28.52 12.12
C SER C 136 -17.14 27.77 10.95
N ILE C 137 -18.28 27.16 11.14
CA ILE C 137 -18.91 26.40 10.09
C ILE C 137 -20.02 27.24 9.50
N GLN C 138 -20.19 27.14 8.19
CA GLN C 138 -21.10 28.01 7.47
C GLN C 138 -21.66 27.26 6.26
N TYR C 139 -22.93 27.49 5.93
CA TYR C 139 -23.63 26.64 4.97
C TYR C 139 -23.96 27.31 3.63
N TYR C 140 -23.83 26.55 2.53
CA TYR C 140 -24.14 27.07 1.21
C TYR C 140 -24.94 26.12 0.35
N ALA C 141 -25.72 26.68 -0.55
CA ALA C 141 -26.47 25.88 -1.52
C ALA C 141 -25.93 26.17 -2.92
N PRO C 142 -26.33 25.36 -3.89
CA PRO C 142 -25.73 25.57 -5.21
C PRO C 142 -25.74 27.04 -5.62
N GLY C 143 -24.61 27.52 -6.16
CA GLY C 143 -24.45 28.92 -6.49
C GLY C 143 -22.99 29.30 -6.70
N SER C 144 -22.69 30.59 -6.59
CA SER C 144 -21.31 31.03 -6.68
C SER C 144 -21.12 32.12 -5.64
N TYR C 145 -20.11 31.97 -4.78
CA TYR C 145 -19.94 32.93 -3.68
C TYR C 145 -18.50 33.31 -3.45
N ILE C 146 -18.32 34.35 -2.64
CA ILE C 146 -17.03 34.61 -2.01
C ILE C 146 -17.12 34.34 -0.51
N VAL C 147 -15.97 34.04 0.08
CA VAL C 147 -15.88 33.76 1.49
C VAL C 147 -14.75 34.61 2.07
N PRO C 148 -15.11 35.65 2.81
CA PRO C 148 -14.11 36.53 3.42
C PRO C 148 -13.40 35.84 4.58
N LYS C 149 -12.07 35.86 4.63
CA LYS C 149 -11.34 35.25 5.73
C LYS C 149 -11.67 35.89 7.07
N GLU C 150 -11.82 35.05 8.10
CA GLU C 150 -11.87 35.53 9.46
C GLU C 150 -10.43 35.73 9.89
N PRO C 151 -10.14 36.85 10.57
CA PRO C 151 -8.77 37.18 10.99
C PRO C 151 -8.06 36.07 11.77
N ASP C 152 -8.80 35.42 12.67
CA ASP C 152 -8.18 34.50 13.62
C ASP C 152 -8.11 33.06 13.12
N LYS C 153 -8.57 32.83 11.89
CA LYS C 153 -8.60 31.50 11.29
C LYS C 153 -7.47 31.27 10.29
N GLU C 154 -6.70 30.21 10.48
CA GLU C 154 -5.58 29.89 9.59
C GLU C 154 -5.99 29.04 8.38
N TYR C 155 -7.02 28.21 8.54
CA TYR C 155 -7.33 27.21 7.53
C TYR C 155 -8.73 27.36 7.00
N LEU C 156 -8.93 26.99 5.74
CA LEU C 156 -10.24 27.06 5.14
C LEU C 156 -10.53 25.71 4.51
N ALA C 157 -11.81 25.32 4.48
CA ALA C 157 -12.19 24.00 3.97
C ALA C 157 -13.58 23.96 3.34
N TYR C 158 -13.73 23.13 2.33
CA TYR C 158 -15.01 22.88 1.70
C TYR C 158 -15.42 21.43 1.97
N CYS C 159 -16.41 21.24 2.84
CA CYS C 159 -16.83 19.90 3.19
C CYS C 159 -18.17 19.63 2.56
N CYS C 160 -18.19 18.70 1.61
CA CYS C 160 -19.42 18.38 0.91
C CYS C 160 -20.20 17.39 1.74
N LEU C 161 -21.27 17.86 2.39
CA LEU C 161 -22.10 17.02 3.23
C LEU C 161 -22.89 16.09 2.34
N THR C 162 -23.03 16.47 1.08
CA THR C 162 -23.63 15.59 0.08
C THR C 162 -22.72 15.46 -1.15
N PRO C 163 -23.01 14.50 -2.04
CA PRO C 163 -22.39 14.51 -3.37
C PRO C 163 -22.61 15.86 -4.00
N VAL C 164 -21.54 16.52 -4.44
CA VAL C 164 -21.62 17.83 -5.08
C VAL C 164 -21.42 17.72 -6.59
N GLU C 165 -21.74 18.79 -7.31
CA GLU C 165 -21.57 18.81 -8.75
C GLU C 165 -20.83 20.05 -9.25
N ASN C 166 -19.83 19.82 -10.10
CA ASN C 166 -19.15 20.93 -10.77
C ASN C 166 -18.65 21.93 -9.76
N LEU C 167 -17.79 21.49 -8.83
CA LEU C 167 -17.28 22.38 -7.79
C LEU C 167 -15.98 23.05 -8.19
N THR C 168 -15.90 24.36 -7.97
CA THR C 168 -14.79 25.20 -8.43
C THR C 168 -14.28 26.14 -7.34
N LEU C 169 -12.99 26.04 -7.02
CA LEU C 169 -12.39 26.89 -5.98
C LEU C 169 -11.41 27.87 -6.62
N ARG C 170 -11.26 29.05 -6.02
CA ARG C 170 -10.36 30.04 -6.57
C ARG C 170 -9.82 30.94 -5.48
N ARG C 171 -8.87 31.81 -5.82
CA ARG C 171 -8.26 32.71 -4.86
C ARG C 171 -7.77 32.01 -3.57
N SER C 172 -7.34 30.77 -3.70
CA SER C 172 -6.90 30.01 -2.53
C SER C 172 -5.66 29.16 -2.83
N LYS C 173 -4.93 28.81 -1.78
CA LYS C 173 -3.67 28.08 -1.94
C LYS C 173 -3.85 26.82 -2.79
N TYR C 174 -5.00 26.15 -2.65
CA TYR C 174 -5.30 24.98 -3.45
C TYR C 174 -6.60 25.19 -4.21
N LEU C 175 -6.86 24.39 -5.23
CA LEU C 175 -7.89 24.70 -6.20
C LEU C 175 -8.59 23.47 -6.75
N LEU C 176 -9.69 23.70 -7.47
CA LEU C 176 -10.35 22.67 -8.27
C LEU C 176 -11.10 23.37 -9.40
N THR C 177 -11.36 22.66 -10.50
CA THR C 177 -12.23 23.18 -11.56
C THR C 177 -13.27 22.18 -12.02
N ASN C 178 -14.53 22.54 -11.84
CA ASN C 178 -15.65 21.77 -12.37
C ASN C 178 -15.51 20.33 -11.92
N GLN C 179 -15.24 20.22 -10.62
CA GLN C 179 -14.95 18.97 -9.93
C GLN C 179 -16.22 18.23 -9.56
N ASP C 180 -16.30 16.96 -9.93
CA ASP C 180 -17.45 16.15 -9.53
C ASP C 180 -17.17 15.51 -8.16
N VAL C 181 -18.06 15.73 -7.19
CA VAL C 181 -17.91 15.04 -5.90
C VAL C 181 -19.01 14.00 -5.67
N PRO C 182 -18.69 12.72 -5.93
CA PRO C 182 -19.58 11.55 -5.92
C PRO C 182 -20.09 11.16 -4.54
N TYR C 183 -19.30 11.41 -3.51
CA TYR C 183 -19.62 11.01 -2.14
C TYR C 183 -19.06 12.08 -1.21
N PRO C 184 -19.69 12.27 -0.04
CA PRO C 184 -19.25 13.30 0.91
C PRO C 184 -17.75 13.30 1.07
N THR C 185 -17.12 14.42 0.75
CA THR C 185 -15.69 14.55 0.80
C THR C 185 -15.34 15.82 1.57
N SER C 186 -14.21 15.83 2.26
CA SER C 186 -13.83 17.02 3.01
C SER C 186 -12.50 17.60 2.56
N TYR C 187 -12.56 18.56 1.64
CA TYR C 187 -11.35 19.22 1.20
C TYR C 187 -10.88 20.14 2.32
N ALA C 188 -9.78 19.78 2.98
CA ALA C 188 -9.54 20.25 4.34
C ALA C 188 -8.51 21.35 4.61
N SER C 189 -7.25 21.19 4.24
CA SER C 189 -6.28 22.13 4.79
C SER C 189 -5.85 23.21 3.80
N ASN C 190 -6.86 23.84 3.22
CA ASN C 190 -6.68 24.90 2.26
C ASN C 190 -6.39 26.20 2.98
N GLU C 191 -5.80 27.18 2.28
CA GLU C 191 -5.45 28.46 2.89
C GLU C 191 -5.88 29.66 2.07
N PHE C 192 -6.14 30.78 2.74
CA PHE C 192 -6.48 32.02 2.04
C PHE C 192 -5.25 32.64 1.40
N ILE C 193 -5.45 33.21 0.21
CA ILE C 193 -4.41 33.97 -0.45
C ILE C 193 -4.60 35.47 -0.19
N GLU C 194 -5.85 35.89 -0.06
CA GLU C 194 -6.14 37.31 -0.14
C GLU C 194 -7.30 37.80 0.74
N GLU C 195 -7.29 37.48 2.03
CA GLU C 195 -8.34 38.00 2.91
C GLU C 195 -9.75 37.68 2.40
N ALA C 196 -9.80 36.86 1.36
CA ALA C 196 -11.06 36.30 0.90
C ALA C 196 -10.73 35.37 -0.25
N ALA C 197 -11.65 34.49 -0.57
CA ALA C 197 -11.52 33.65 -1.74
C ALA C 197 -12.92 33.36 -2.17
N ALA C 198 -13.08 32.42 -3.09
CA ALA C 198 -14.39 32.24 -3.69
C ALA C 198 -14.49 30.88 -4.34
N PHE C 199 -15.72 30.41 -4.49
CA PHE C 199 -15.96 29.09 -5.04
C PHE C 199 -17.36 29.08 -5.62
N SER C 200 -17.68 28.02 -6.35
CA SER C 200 -18.98 27.95 -7.02
C SER C 200 -19.32 26.52 -7.34
N PHE C 201 -20.58 26.15 -7.22
CA PHE C 201 -20.98 24.79 -7.54
C PHE C 201 -22.46 24.69 -7.91
N ASP C 202 -22.84 23.55 -8.49
CA ASP C 202 -24.16 23.41 -9.11
C ASP C 202 -25.12 22.40 -8.43
N ALA C 203 -24.64 21.64 -7.45
CA ALA C 203 -25.52 20.71 -6.74
C ALA C 203 -24.96 20.19 -5.40
N GLY C 204 -25.85 19.68 -4.55
CA GLY C 204 -25.47 19.20 -3.23
C GLY C 204 -25.46 20.29 -2.16
N ILE C 206 -22.56 22.32 0.69
CA ILE C 206 -21.23 22.46 1.25
C ILE C 206 -21.24 23.19 2.58
N ALA C 207 -20.48 22.67 3.54
CA ALA C 207 -20.23 23.41 4.76
C ALA C 207 -18.84 23.98 4.61
N VAL C 208 -18.73 25.28 4.71
CA VAL C 208 -17.45 25.95 4.56
C VAL C 208 -16.90 26.21 5.96
N ILE C 209 -15.74 25.64 6.25
CA ILE C 209 -15.20 25.76 7.60
C ILE C 209 -13.86 26.44 7.63
N GLN C 210 -13.79 27.59 8.30
CA GLN C 210 -12.52 28.15 8.70
C GLN C 210 -12.16 27.61 10.08
N SER C 211 -10.86 27.47 10.32
CA SER C 211 -10.37 26.71 11.46
C SER C 211 -8.94 27.07 11.81
N LYS C 212 -8.49 26.66 12.99
CA LYS C 212 -7.11 26.90 13.42
C LYS C 212 -6.72 25.84 14.42
N ASP C 213 -5.45 25.87 14.82
CA ASP C 213 -4.96 25.00 15.88
C ASP C 213 -4.96 25.70 17.23
N LYS C 214 -4.60 24.95 18.28
CA LYS C 214 -4.57 25.48 19.64
C LYS C 214 -3.22 26.12 19.96
N SER D 2 -7.37 -10.19 13.29
CA SER D 2 -6.31 -9.30 13.74
C SER D 2 -6.81 -7.86 13.90
N ARG D 3 -6.27 -7.16 14.89
CA ARG D 3 -6.64 -5.78 15.13
C ARG D 3 -5.43 -4.88 15.03
N VAL D 4 -5.60 -3.74 14.39
CA VAL D 4 -4.54 -2.75 14.26
C VAL D 4 -4.98 -1.45 14.89
N LEU D 5 -4.05 -0.78 15.57
CA LEU D 5 -4.35 0.47 16.24
C LEU D 5 -3.58 1.61 15.59
N LEU D 6 -4.32 2.60 15.11
CA LEU D 6 -3.72 3.82 14.59
C LEU D 6 -3.94 4.96 15.57
N VAL D 7 -2.89 5.73 15.80
CA VAL D 7 -2.93 6.82 16.75
C VAL D 7 -2.57 8.14 16.08
N ALA D 8 -3.53 9.06 16.02
CA ALA D 8 -3.29 10.41 15.53
C ALA D 8 -2.71 11.31 16.64
N GLY D 9 -2.70 12.61 16.40
CA GLY D 9 -1.89 13.51 17.19
C GLY D 9 -2.64 14.21 18.30
N GLY D 10 -3.94 13.94 18.38
CA GLY D 10 -4.79 14.50 19.42
C GLY D 10 -4.29 14.13 20.81
N ASN D 11 -4.88 14.77 21.82
CA ASN D 11 -4.44 14.59 23.20
C ASN D 11 -4.80 13.20 23.68
N PRO D 12 -3.80 12.47 24.21
CA PRO D 12 -4.01 11.16 24.86
C PRO D 12 -5.17 11.15 25.85
N SER D 13 -5.24 12.16 26.71
CA SER D 13 -6.36 12.36 27.60
C SER D 13 -7.73 11.97 27.01
N ASP D 14 -7.88 12.10 25.70
CA ASP D 14 -9.16 11.79 25.07
C ASP D 14 -9.19 10.42 24.39
N TRP D 15 -8.12 9.65 24.56
CA TRP D 15 -8.08 8.28 24.06
C TRP D 15 -9.20 7.50 24.72
N PRO D 16 -9.59 6.36 24.12
CA PRO D 16 -10.46 5.42 24.82
C PRO D 16 -9.65 4.61 25.84
N THR D 17 -10.31 3.77 26.64
CA THR D 17 -9.55 2.82 27.42
C THR D 17 -8.97 1.86 26.38
N ILE D 18 -7.72 1.42 26.55
CA ILE D 18 -7.11 0.49 25.59
C ILE D 18 -6.25 -0.63 26.23
N GLU D 19 -6.32 -1.86 25.69
CA GLU D 19 -5.37 -2.94 26.04
C GLU D 19 -4.47 -3.27 24.83
N PRO D 20 -3.15 -3.10 25.01
CA PRO D 20 -2.14 -3.57 24.06
C PRO D 20 -2.50 -4.96 23.53
N ALA D 21 -2.44 -5.93 24.43
CA ALA D 21 -2.86 -7.30 24.19
C ALA D 21 -3.67 -7.56 22.92
N THR D 22 -4.76 -6.82 22.77
CA THR D 22 -5.69 -7.04 21.66
C THR D 22 -5.24 -6.53 20.27
N TYR D 23 -4.23 -5.64 20.23
CA TYR D 23 -3.70 -5.10 18.97
C TYR D 23 -2.44 -5.80 18.46
N ASP D 24 -2.41 -6.08 17.15
CA ASP D 24 -1.35 -6.88 16.55
C ASP D 24 -0.27 -6.01 15.95
N TYR D 25 -0.50 -4.71 15.92
CA TYR D 25 0.31 -3.83 15.07
C TYR D 25 -0.01 -2.38 15.42
N PHE D 26 1.02 -1.61 15.75
CA PHE D 26 0.84 -0.24 16.24
C PHE D 26 1.34 0.83 15.27
N VAL D 27 0.38 1.60 14.75
CA VAL D 27 0.65 2.62 13.76
C VAL D 27 0.60 4.01 14.38
N GLY D 28 1.71 4.74 14.34
CA GLY D 28 1.73 6.10 14.82
C GLY D 28 1.58 7.08 13.67
N ILE D 29 0.66 8.02 13.80
CA ILE D 29 0.45 9.02 12.77
C ILE D 29 0.98 10.37 13.22
N ASP D 30 2.08 10.80 12.63
CA ASP D 30 2.64 12.12 12.92
C ASP D 30 2.94 12.28 14.42
N ARG D 31 2.28 13.20 15.08
CA ARG D 31 2.60 13.42 16.49
C ARG D 31 2.07 12.25 17.36
N GLY D 32 1.11 11.52 16.82
CA GLY D 32 0.59 10.37 17.50
C GLY D 32 1.69 9.36 17.72
N CYS D 33 2.76 9.48 16.96
CA CYS D 33 3.90 8.58 17.15
C CYS D 33 4.48 8.76 18.53
N LEU D 34 4.64 10.01 18.96
CA LEU D 34 5.26 10.30 20.24
C LEU D 34 4.37 9.84 21.38
N HIS D 35 3.07 9.98 21.19
CA HIS D 35 2.07 9.61 22.18
C HIS D 35 2.00 8.11 22.43
N LEU D 36 2.45 7.33 21.46
CA LEU D 36 2.55 5.89 21.66
C LEU D 36 3.80 5.56 22.43
N LEU D 37 4.87 6.30 22.19
CA LEU D 37 6.14 6.02 22.84
C LEU D 37 6.18 6.49 24.28
N GLU D 38 5.43 7.55 24.60
CA GLU D 38 5.47 8.06 25.97
C GLU D 38 4.53 7.25 26.86
N ALA D 39 3.57 6.58 26.25
CA ALA D 39 2.71 5.66 27.00
C ALA D 39 3.28 4.25 26.96
N ASP D 40 4.59 4.15 26.73
CA ASP D 40 5.29 2.87 26.76
C ASP D 40 4.68 1.83 25.82
N LEU D 41 4.06 2.30 24.75
CA LEU D 41 3.45 1.42 23.76
C LEU D 41 4.39 1.20 22.56
N PRO D 42 4.15 0.13 21.78
CA PRO D 42 4.97 -0.13 20.60
C PRO D 42 4.69 0.87 19.47
N LEU D 43 5.71 1.08 18.64
CA LEU D 43 5.58 1.88 17.43
C LEU D 43 6.17 1.06 16.30
N GLN D 44 5.33 0.54 15.43
CA GLN D 44 5.82 -0.35 14.39
C GLN D 44 5.73 0.28 13.00
N LEU D 45 4.71 1.12 12.79
CA LEU D 45 4.61 1.93 11.57
C LEU D 45 4.44 3.42 11.94
N ALA D 46 5.38 4.24 11.49
CA ALA D 46 5.31 5.68 11.73
C ALA D 46 5.04 6.39 10.41
N VAL D 47 3.91 7.09 10.31
CA VAL D 47 3.50 7.73 9.05
C VAL D 47 3.28 9.22 9.19
N GLY D 48 3.72 10.00 8.21
CA GLY D 48 3.43 11.42 8.18
C GLY D 48 4.56 12.29 7.67
N ASP D 49 4.33 13.59 7.59
CA ASP D 49 5.35 14.54 7.12
C ASP D 49 6.23 14.99 8.27
N PHE D 50 5.75 14.78 9.49
CA PHE D 50 6.50 15.09 10.70
C PHE D 50 7.02 16.53 10.74
N ASP D 51 6.18 17.47 10.28
CA ASP D 51 6.53 18.88 10.32
C ASP D 51 6.41 19.49 11.74
N SER D 52 5.44 19.00 12.53
CA SER D 52 5.21 19.49 13.89
C SER D 52 6.13 18.87 14.93
N LEU D 53 7.20 18.20 14.48
CA LEU D 53 8.13 17.53 15.40
C LEU D 53 9.49 18.25 15.41
N SER D 54 10.17 18.30 16.55
CA SER D 54 11.51 18.89 16.59
C SER D 54 12.55 17.89 16.10
N ARG D 55 13.62 18.39 15.49
CA ARG D 55 14.60 17.50 14.87
C ARG D 55 15.06 16.39 15.81
N GLU D 56 14.71 16.55 17.08
CA GLU D 56 15.11 15.63 18.13
C GLU D 56 14.05 14.56 18.41
N GLU D 57 12.78 14.94 18.30
CA GLU D 57 11.69 13.99 18.49
C GLU D 57 11.57 13.10 17.26
N TYR D 58 11.85 13.66 16.10
CA TYR D 58 11.80 12.91 14.86
C TYR D 58 12.87 11.83 14.91
N HIS D 59 14.09 12.19 15.29
CA HIS D 59 15.19 11.23 15.31
C HIS D 59 14.86 10.10 16.26
N PHE D 60 14.23 10.42 17.37
CA PHE D 60 13.78 9.43 18.33
C PHE D 60 12.73 8.47 17.75
N VAL D 61 11.79 8.99 16.97
CA VAL D 61 10.79 8.18 16.28
C VAL D 61 11.41 7.36 15.16
N GLN D 62 12.47 7.89 14.59
CA GLN D 62 13.16 7.27 13.47
C GLN D 62 13.98 6.07 13.95
N GLU D 63 14.48 6.16 15.18
CA GLU D 63 15.30 5.10 15.77
C GLU D 63 14.47 4.00 16.42
N THR D 64 13.25 4.35 16.83
CA THR D 64 12.40 3.45 17.60
C THR D 64 11.46 2.63 16.74
N THR D 65 10.86 3.24 15.73
CA THR D 65 9.92 2.55 14.86
C THR D 65 10.64 1.49 14.04
N GLU D 66 9.93 0.41 13.69
CA GLU D 66 10.48 -0.50 12.69
C GLU D 66 10.34 0.04 11.27
N THR D 67 9.14 0.45 10.89
CA THR D 67 8.93 1.08 9.57
C THR D 67 8.63 2.57 9.61
N LEU D 68 9.45 3.35 8.91
CA LEU D 68 9.22 4.79 8.78
C LEU D 68 8.63 5.18 7.41
N ILE D 69 7.51 5.90 7.43
CA ILE D 69 6.98 6.45 6.20
C ILE D 69 6.86 7.97 6.29
N GLN D 70 7.90 8.66 5.86
CA GLN D 70 7.89 10.12 5.83
C GLN D 70 7.44 10.65 4.47
N ALA D 71 6.26 11.26 4.45
CA ALA D 71 5.67 11.84 3.24
C ALA D 71 6.01 13.34 3.09
N PRO D 72 5.72 13.93 1.91
CA PRO D 72 5.84 15.38 1.72
C PRO D 72 4.72 16.08 2.49
N ALA D 73 4.95 17.30 2.98
CA ALA D 73 3.90 18.01 3.74
C ALA D 73 2.79 18.42 2.80
N GLU D 74 3.18 18.60 1.54
CA GLU D 74 2.30 18.95 0.43
C GLU D 74 1.76 17.74 -0.28
N LYS D 75 0.57 17.29 0.10
CA LYS D 75 -0.02 16.15 -0.58
C LYS D 75 -1.55 16.24 -0.50
N ASP D 76 -2.21 15.39 -1.27
CA ASP D 76 -3.66 15.38 -1.34
C ASP D 76 -4.31 14.66 -0.16
N ASP D 77 -3.54 13.74 0.42
CA ASP D 77 -3.99 12.94 1.54
C ASP D 77 -3.58 13.53 2.87
N THR D 78 -4.41 13.30 3.88
CA THR D 78 -4.04 13.59 5.25
C THR D 78 -3.15 12.47 5.80
N ASP D 79 -2.30 12.78 6.76
CA ASP D 79 -1.44 11.79 7.37
C ASP D 79 -2.21 10.55 7.84
N THR D 80 -3.43 10.74 8.30
CA THR D 80 -4.33 9.65 8.65
C THR D 80 -4.76 8.86 7.42
N GLN D 81 -5.14 9.54 6.35
CA GLN D 81 -5.52 8.82 5.14
C GLN D 81 -4.41 7.94 4.62
N LEU D 82 -3.19 8.47 4.63
CA LEU D 82 -2.04 7.74 4.15
C LEU D 82 -1.81 6.51 4.99
N ALA D 83 -1.86 6.73 6.30
CA ALA D 83 -1.52 5.71 7.28
C ALA D 83 -2.50 4.56 7.18
N LEU D 84 -3.77 4.87 6.96
CA LEU D 84 -4.77 3.83 6.84
C LEU D 84 -4.44 2.90 5.66
N GLN D 85 -4.08 3.50 4.53
CA GLN D 85 -3.83 2.72 3.33
C GLN D 85 -2.55 1.90 3.51
N GLU D 86 -1.58 2.46 4.21
CA GLU D 86 -0.34 1.76 4.42
C GLU D 86 -0.56 0.57 5.33
N ALA D 87 -1.47 0.73 6.28
CA ALA D 87 -1.75 -0.33 7.25
C ALA D 87 -2.58 -1.43 6.64
N LEU D 88 -3.59 -1.08 5.85
CA LEU D 88 -4.40 -2.08 5.16
C LEU D 88 -3.58 -2.83 4.12
N GLN D 89 -2.60 -2.15 3.55
CA GLN D 89 -1.74 -2.80 2.57
C GLN D 89 -1.11 -4.01 3.20
N ARG D 90 -0.79 -3.86 4.49
CA ARG D 90 -0.09 -4.87 5.29
C ARG D 90 -1.03 -5.80 6.04
N PHE D 91 -2.22 -5.34 6.40
CA PHE D 91 -3.20 -6.17 7.10
C PHE D 91 -4.57 -5.95 6.50
N PRO D 92 -4.80 -6.53 5.31
CA PRO D 92 -5.99 -6.19 4.52
C PRO D 92 -7.29 -6.61 5.18
N GLN D 93 -7.20 -7.36 6.27
CA GLN D 93 -8.40 -7.90 6.88
C GLN D 93 -8.50 -7.54 8.35
N ALA D 94 -7.45 -6.90 8.85
CA ALA D 94 -7.44 -6.42 10.22
C ALA D 94 -8.51 -5.35 10.45
N GLU D 95 -9.02 -5.32 11.68
CA GLU D 95 -9.96 -4.30 12.13
C GLU D 95 -9.22 -3.07 12.62
N THR D 97 -8.57 0.30 14.18
CA THR D 97 -9.05 1.21 15.21
C THR D 97 -8.21 2.48 15.24
N ILE D 98 -8.87 3.59 14.93
CA ILE D 98 -8.18 4.87 14.92
C ILE D 98 -8.55 5.74 16.11
N ILE D 99 -7.58 5.99 16.98
CA ILE D 99 -7.77 6.94 18.07
C ILE D 99 -6.85 8.14 17.84
N GLY D 100 -7.11 9.22 18.59
CA GLY D 100 -6.26 10.40 18.61
C GLY D 100 -6.67 11.39 17.54
N ALA D 101 -7.64 10.99 16.72
CA ALA D 101 -8.25 11.88 15.72
C ALA D 101 -9.24 12.79 16.45
N THR D 102 -8.73 13.54 17.42
CA THR D 102 -9.54 14.34 18.35
C THR D 102 -9.10 15.81 18.38
N GLY D 103 -8.10 16.15 17.55
CA GLY D 103 -7.53 17.50 17.53
C GLY D 103 -8.52 18.65 17.61
N GLY D 104 -9.73 18.44 17.10
CA GLY D 104 -10.75 19.49 17.20
C GLY D 104 -11.03 20.30 15.94
N ARG D 105 -10.20 20.15 14.90
CA ARG D 105 -10.51 20.77 13.64
C ARG D 105 -11.58 19.95 12.91
N ILE D 106 -12.72 20.57 12.68
CA ILE D 106 -13.90 19.83 12.25
C ILE D 106 -13.83 19.35 10.80
N ASP D 107 -13.09 20.06 9.94
CA ASP D 107 -12.84 19.60 8.58
C ASP D 107 -12.12 18.23 8.55
N HIS D 108 -11.11 18.09 9.41
CA HIS D 108 -10.43 16.81 9.62
C HIS D 108 -11.32 15.78 10.27
N LEU D 109 -12.20 16.22 11.16
CA LEU D 109 -13.09 15.27 11.79
C LEU D 109 -14.07 14.68 10.76
N LEU D 110 -14.45 15.48 9.76
CA LEU D 110 -15.34 14.97 8.71
C LEU D 110 -14.55 14.18 7.68
N ALA D 111 -13.33 14.63 7.40
CA ALA D 111 -12.41 13.86 6.58
C ALA D 111 -12.41 12.44 7.07
N ASN D 112 -12.20 12.27 8.38
CA ASN D 112 -12.14 10.95 9.01
C ASN D 112 -13.50 10.29 9.12
N LEU D 113 -14.53 11.07 9.39
CA LEU D 113 -15.88 10.54 9.46
C LEU D 113 -16.30 9.91 8.12
N TRP D 114 -15.71 10.38 7.03
CA TRP D 114 -16.13 9.98 5.70
C TRP D 114 -15.16 9.01 5.03
N LEU D 115 -14.18 8.51 5.78
CA LEU D 115 -13.19 7.58 5.23
C LEU D 115 -13.77 6.42 4.41
N PRO D 116 -14.74 5.68 4.96
CA PRO D 116 -15.38 4.57 4.23
C PRO D 116 -16.03 4.96 2.89
N PHE D 117 -16.23 6.23 2.60
CA PHE D 117 -16.83 6.62 1.33
C PHE D 117 -15.83 6.51 0.19
N GLU D 118 -14.56 6.75 0.51
CA GLU D 118 -13.49 6.64 -0.46
C GLU D 118 -13.44 5.23 -1.09
N PRO D 119 -13.36 5.18 -2.42
CA PRO D 119 -13.43 3.88 -3.11
C PRO D 119 -12.30 2.95 -2.64
N ARG D 120 -11.20 3.55 -2.19
CA ARG D 120 -10.06 2.78 -1.73
C ARG D 120 -10.31 2.16 -0.35
N PHE D 121 -11.34 2.65 0.36
CA PHE D 121 -11.67 2.11 1.68
C PHE D 121 -13.09 1.58 1.76
N GLN D 122 -13.87 1.70 0.69
CA GLN D 122 -15.24 1.21 0.75
C GLN D 122 -15.30 -0.28 1.09
N GLY D 123 -14.41 -1.05 0.48
CA GLY D 123 -14.41 -2.49 0.62
C GLY D 123 -13.93 -2.94 1.98
N VAL D 124 -13.70 -2.00 2.89
CA VAL D 124 -13.32 -2.34 4.24
C VAL D 124 -14.02 -1.48 5.28
N LEU D 125 -15.20 -0.97 4.94
CA LEU D 125 -15.92 -0.06 5.84
C LEU D 125 -16.28 -0.74 7.15
N ARG D 126 -16.41 -2.06 7.08
CA ARG D 126 -16.86 -2.86 8.19
C ARG D 126 -15.70 -3.12 9.14
N GLN D 127 -14.52 -2.65 8.75
CA GLN D 127 -13.32 -2.86 9.57
C GLN D 127 -12.79 -1.55 10.15
N ILE D 128 -13.47 -0.46 9.84
CA ILE D 128 -12.98 0.84 10.27
C ILE D 128 -13.74 1.34 11.50
N ARG D 129 -12.98 1.76 12.51
CA ARG D 129 -13.51 2.23 13.78
C ARG D 129 -12.78 3.48 14.28
N LEU D 130 -13.55 4.54 14.54
CA LEU D 130 -13.02 5.74 15.18
C LEU D 130 -13.47 5.82 16.63
N CYS D 131 -12.53 6.07 17.54
CA CYS D 131 -12.81 6.03 18.98
C CYS D 131 -12.23 7.17 19.81
N ASP D 132 -13.12 7.76 20.61
CA ASP D 132 -12.84 8.87 21.53
C ASP D 132 -13.03 8.36 22.95
N ARG D 133 -12.57 9.14 23.93
CA ARG D 133 -12.83 8.87 25.33
C ARG D 133 -14.34 8.77 25.59
N GLN D 134 -15.14 9.33 24.68
CA GLN D 134 -16.59 9.39 24.83
C GLN D 134 -17.31 8.74 23.67
N ASN D 135 -16.56 8.36 22.65
CA ASN D 135 -17.17 8.01 21.37
C ASN D 135 -16.62 6.76 20.71
N SER D 136 -17.52 6.04 20.06
CA SER D 136 -17.19 4.79 19.41
C SER D 136 -18.00 4.70 18.13
N ILE D 137 -17.34 4.74 16.97
CA ILE D 137 -18.03 4.80 15.69
C ILE D 137 -17.75 3.58 14.81
N GLN D 138 -18.81 2.87 14.42
CA GLN D 138 -18.70 1.82 13.43
C GLN D 138 -19.46 2.24 12.17
N TYR D 139 -19.05 1.74 11.00
CA TYR D 139 -19.77 2.05 9.77
C TYR D 139 -20.41 0.81 9.20
N TYR D 140 -21.59 0.97 8.62
CA TYR D 140 -22.37 -0.15 8.10
C TYR D 140 -22.94 0.11 6.72
N ALA D 141 -22.88 -0.89 5.85
CA ALA D 141 -23.55 -0.83 4.55
C ALA D 141 -24.95 -1.43 4.69
N PRO D 142 -25.80 -1.30 3.66
CA PRO D 142 -27.16 -1.86 3.76
C PRO D 142 -27.18 -3.37 4.09
N GLY D 143 -27.98 -3.75 5.10
CA GLY D 143 -28.08 -5.12 5.55
C GLY D 143 -28.85 -5.21 6.87
N SER D 144 -28.53 -6.21 7.68
CA SER D 144 -29.16 -6.41 8.99
C SER D 144 -28.11 -6.83 10.02
N TYR D 145 -27.99 -6.09 11.12
CA TYR D 145 -26.89 -6.33 12.04
C TYR D 145 -27.29 -6.39 13.51
N ILE D 146 -26.50 -7.11 14.31
CA ILE D 146 -26.62 -7.00 15.75
C ILE D 146 -25.54 -6.05 16.27
N VAL D 147 -25.91 -5.19 17.22
CA VAL D 147 -24.97 -4.23 17.74
C VAL D 147 -24.78 -4.42 19.24
N PRO D 148 -23.67 -5.06 19.62
CA PRO D 148 -23.31 -5.34 21.02
C PRO D 148 -22.92 -4.05 21.74
N LYS D 149 -23.59 -3.79 22.86
CA LYS D 149 -23.33 -2.60 23.64
C LYS D 149 -21.99 -2.67 24.35
N GLU D 150 -21.24 -1.58 24.25
CA GLU D 150 -19.98 -1.49 24.99
C GLU D 150 -20.22 -1.27 26.47
N PRO D 151 -19.50 -2.04 27.30
CA PRO D 151 -19.62 -2.06 28.77
C PRO D 151 -19.60 -0.67 29.37
N ASP D 152 -18.95 0.28 28.70
CA ASP D 152 -18.74 1.61 29.26
C ASP D 152 -19.57 2.72 28.60
N LYS D 153 -20.34 2.37 27.57
CA LYS D 153 -21.09 3.36 26.80
C LYS D 153 -22.54 3.46 27.26
N GLU D 154 -23.10 4.67 27.20
CA GLU D 154 -24.45 4.93 27.71
C GLU D 154 -25.50 5.09 26.60
N TYR D 155 -25.06 5.54 25.43
CA TYR D 155 -25.99 5.84 24.36
C TYR D 155 -25.72 5.11 23.07
N LEU D 156 -26.76 4.92 22.29
CA LEU D 156 -26.69 4.39 20.95
C LEU D 156 -27.22 5.46 20.00
N ALA D 157 -26.63 5.54 18.82
CA ALA D 157 -27.04 6.52 17.82
C ALA D 157 -26.93 5.93 16.44
N TYR D 158 -27.92 6.25 15.60
CA TYR D 158 -27.92 5.87 14.19
C TYR D 158 -27.84 7.12 13.33
N CYS D 159 -26.61 7.58 13.10
CA CYS D 159 -26.37 8.73 12.24
C CYS D 159 -26.28 8.29 10.79
N CYS D 160 -27.21 8.76 9.98
CA CYS D 160 -27.24 8.43 8.57
C CYS D 160 -26.42 9.41 7.74
N LEU D 161 -25.28 8.94 7.22
CA LEU D 161 -24.36 9.81 6.48
C LEU D 161 -24.91 10.21 5.12
N THR D 162 -25.83 9.39 4.62
CA THR D 162 -26.52 9.66 3.37
C THR D 162 -28.02 9.45 3.58
N PRO D 163 -28.83 9.79 2.57
CA PRO D 163 -30.23 9.40 2.66
C PRO D 163 -30.34 7.87 2.78
N VAL D 164 -31.00 7.38 3.82
CA VAL D 164 -31.16 5.93 4.00
C VAL D 164 -32.58 5.51 3.65
N GLU D 165 -32.76 4.23 3.33
CA GLU D 165 -34.07 3.71 2.94
C GLU D 165 -34.51 2.47 3.72
N ASN D 166 -35.79 2.46 4.09
CA ASN D 166 -36.37 1.33 4.81
C ASN D 166 -35.56 0.97 6.06
N LEU D 167 -35.26 1.98 6.87
CA LEU D 167 -34.56 1.75 8.13
C LEU D 167 -35.50 1.15 9.18
N THR D 168 -35.25 -0.11 9.52
CA THR D 168 -35.92 -0.76 10.63
C THR D 168 -34.90 -0.82 11.75
N LEU D 169 -35.36 -0.93 12.99
CA LEU D 169 -34.45 -0.75 14.11
C LEU D 169 -35.13 -1.20 15.40
N ARG D 170 -34.64 -2.29 15.99
CA ARG D 170 -35.26 -2.88 17.19
C ARG D 170 -34.33 -2.92 18.40
N ARG D 171 -34.86 -3.48 19.50
CA ARG D 171 -34.13 -3.69 20.74
C ARG D 171 -33.49 -2.43 21.32
N SER D 172 -34.03 -1.28 20.94
CA SER D 172 -33.59 0.00 21.48
C SER D 172 -34.64 0.50 22.46
N LYS D 173 -34.35 1.64 23.07
CA LYS D 173 -35.31 2.30 23.95
C LYS D 173 -36.19 3.17 23.09
N TYR D 174 -35.90 3.20 21.80
CA TYR D 174 -36.60 4.03 20.81
C TYR D 174 -36.55 3.30 19.47
N LEU D 175 -37.67 3.29 18.76
CA LEU D 175 -37.76 2.46 17.57
C LEU D 175 -38.03 3.23 16.29
N LEU D 176 -37.55 2.65 15.19
CA LEU D 176 -37.95 3.08 13.86
C LEU D 176 -38.34 1.79 13.17
N THR D 177 -39.22 1.89 12.19
CA THR D 177 -39.61 0.72 11.41
C THR D 177 -39.94 1.11 9.98
N ASN D 178 -39.18 0.54 9.04
CA ASN D 178 -39.40 0.80 7.61
C ASN D 178 -39.39 2.30 7.31
N GLN D 179 -38.60 3.01 8.11
CA GLN D 179 -38.45 4.45 7.98
C GLN D 179 -37.68 4.82 6.71
N ASP D 180 -38.09 5.90 6.05
CA ASP D 180 -37.26 6.51 5.03
C ASP D 180 -36.62 7.79 5.58
N VAL D 181 -35.34 7.97 5.29
CA VAL D 181 -34.57 9.12 5.77
C VAL D 181 -34.00 9.85 4.56
N PRO D 182 -34.67 10.93 4.12
CA PRO D 182 -34.42 11.58 2.83
C PRO D 182 -33.13 12.40 2.77
N TYR D 183 -32.41 12.47 3.88
CA TYR D 183 -31.22 13.31 3.98
C TYR D 183 -30.53 13.01 5.30
N PRO D 184 -29.20 13.20 5.34
CA PRO D 184 -28.43 12.80 6.53
C PRO D 184 -29.11 13.24 7.82
N THR D 185 -29.52 12.27 8.63
CA THR D 185 -30.24 12.53 9.87
C THR D 185 -29.59 11.76 11.01
N SER D 186 -29.40 12.41 12.16
CA SER D 186 -28.70 11.78 13.28
C SER D 186 -29.60 11.37 14.46
N TYR D 187 -30.19 10.19 14.36
CA TYR D 187 -30.93 9.62 15.48
C TYR D 187 -29.98 9.35 16.65
N ALA D 188 -29.79 10.38 17.47
CA ALA D 188 -28.87 10.29 18.60
C ALA D 188 -29.64 10.05 19.91
N SER D 189 -28.88 9.81 20.97
CA SER D 189 -29.44 9.64 22.32
C SER D 189 -30.44 8.49 22.45
N ASN D 190 -30.21 7.43 21.69
CA ASN D 190 -30.98 6.23 21.83
C ASN D 190 -30.29 5.40 22.90
N GLU D 191 -30.98 4.40 23.43
CA GLU D 191 -30.41 3.58 24.50
C GLU D 191 -30.61 2.09 24.26
N PHE D 192 -29.77 1.31 24.94
CA PHE D 192 -29.81 -0.15 24.93
C PHE D 192 -30.78 -0.63 26.00
N ILE D 193 -31.71 -1.50 25.62
CA ILE D 193 -32.56 -2.13 26.64
C ILE D 193 -32.00 -3.49 27.03
N GLU D 194 -31.27 -4.12 26.11
CA GLU D 194 -30.59 -5.36 26.42
C GLU D 194 -29.07 -5.14 26.49
N GLU D 195 -28.32 -6.18 26.12
CA GLU D 195 -26.87 -6.07 26.01
C GLU D 195 -26.49 -5.98 24.53
N ALA D 196 -27.50 -6.03 23.67
CA ALA D 196 -27.30 -5.86 22.24
C ALA D 196 -28.57 -5.30 21.61
N ALA D 197 -28.39 -4.65 20.47
CA ALA D 197 -29.50 -4.08 19.72
C ALA D 197 -29.47 -4.66 18.32
N ALA D 198 -30.40 -4.23 17.48
CA ALA D 198 -30.42 -4.65 16.07
C ALA D 198 -31.15 -3.64 15.18
N PHE D 199 -30.75 -3.59 13.92
CA PHE D 199 -31.32 -2.66 12.94
C PHE D 199 -31.01 -3.17 11.53
N SER D 200 -31.66 -2.57 10.53
CA SER D 200 -31.46 -2.94 9.14
C SER D 200 -31.94 -1.86 8.19
N PHE D 201 -31.36 -1.83 6.98
CA PHE D 201 -31.74 -0.87 5.96
C PHE D 201 -31.32 -1.36 4.57
N ASP D 202 -31.80 -0.70 3.52
CA ASP D 202 -31.60 -1.16 2.14
C ASP D 202 -30.70 -0.27 1.30
N ALA D 203 -30.62 1.00 1.66
CA ALA D 203 -29.86 1.97 0.86
C ALA D 203 -29.04 2.91 1.75
N GLY D 204 -28.00 3.50 1.15
CA GLY D 204 -27.17 4.48 1.84
C GLY D 204 -26.31 3.88 2.94
N ILE D 206 -24.55 4.17 7.08
CA ILE D 206 -24.83 4.52 8.47
C ILE D 206 -23.65 4.29 9.40
N ALA D 207 -23.34 5.30 10.21
CA ALA D 207 -22.33 5.14 11.25
C ALA D 207 -23.05 4.94 12.56
N VAL D 208 -22.89 3.76 13.17
CA VAL D 208 -23.45 3.51 14.48
C VAL D 208 -22.53 4.09 15.53
N ILE D 209 -23.05 5.00 16.34
CA ILE D 209 -22.21 5.65 17.33
C ILE D 209 -22.67 5.37 18.76
N GLN D 210 -21.73 4.89 19.57
CA GLN D 210 -21.97 4.66 20.99
C GLN D 210 -21.24 5.73 21.78
N SER D 211 -21.92 6.35 22.72
CA SER D 211 -21.34 7.49 23.42
C SER D 211 -21.58 7.44 24.91
N LYS D 212 -21.14 8.49 25.58
CA LYS D 212 -21.36 8.62 27.01
C LYS D 212 -20.96 10.03 27.44
N ASP D 213 -21.40 10.42 28.63
CA ASP D 213 -21.16 11.77 29.09
C ASP D 213 -19.78 11.95 29.73
N LYS D 214 -19.27 13.16 29.60
CA LYS D 214 -18.05 13.62 30.27
C LYS D 214 -18.17 13.45 31.78
#